data_7ERB
#
_entry.id   7ERB
#
_cell.length_a   83.423
_cell.length_b   117.338
_cell.length_c   82.045
_cell.angle_alpha   90.000
_cell.angle_beta   90.000
_cell.angle_gamma   90.000
#
_symmetry.space_group_name_H-M   'P 21 21 21'
#
loop_
_entity.id
_entity.type
_entity.pdbx_description
1 polymer 'Flavin reductase (NADPH)'
2 non-polymer 'NADP NICOTINAMIDE-ADENINE-DINUCLEOTIDE PHOSPHATE'
3 non-polymer '3-[5-(2-fluorophenyl)-1,2,4-oxadiazol-3-yl]benzoic acid'
4 non-polymer 'SULFATE ION'
5 water water
#
_entity_poly.entity_id   1
_entity_poly.type   'polypeptide(L)'
_entity_poly.pdbx_seq_one_letter_code
;MAVKKIAIFGATGQTGLTTLAQAVQAGYEVTVLVRDSSRLPSEGPRPAHVVVGDVLQAADVDKTVAGQDAVIVLLGTRND
LSPTTVMSEGARNIVAAMKAHGVDKVVACTSAFLLWDPTKVPPRLQAVTDDHIRMHKVLRESGLKYVAVMPPHIGDQPLT
GAYTVTLDGRGPSRVISKHDLGHFMLRCLTTDEYDGHSTYPSHQYQ
;
_entity_poly.pdbx_strand_id   A,B,C,D
#
loop_
_chem_comp.id
_chem_comp.type
_chem_comp.name
_chem_comp.formula
JBF non-polymer '3-[5-(2-fluorophenyl)-1,2,4-oxadiazol-3-yl]benzoic acid' 'C15 H9 F N2 O3'
NAP non-polymer 'NADP NICOTINAMIDE-ADENINE-DINUCLEOTIDE PHOSPHATE' 'C21 H28 N7 O17 P3'
SO4 non-polymer 'SULFATE ION' 'O4 S -2'
#
# COMPACT_ATOMS: atom_id res chain seq x y z
N MET A 1 33.49 -16.58 -12.02
CA MET A 1 32.10 -16.98 -11.82
C MET A 1 31.17 -16.44 -12.93
N ALA A 2 30.47 -17.35 -13.63
CA ALA A 2 29.49 -16.93 -14.64
C ALA A 2 28.36 -16.11 -14.00
N VAL A 3 27.63 -16.70 -13.06
CA VAL A 3 26.75 -15.93 -12.16
C VAL A 3 27.60 -15.50 -10.97
N LYS A 4 27.80 -14.19 -10.80
CA LYS A 4 28.58 -13.81 -9.65
C LYS A 4 27.85 -12.72 -8.88
N LYS A 5 27.15 -11.80 -9.56
CA LYS A 5 26.41 -10.73 -8.87
C LYS A 5 24.96 -11.12 -8.75
N ILE A 6 24.44 -11.22 -7.53
CA ILE A 6 23.04 -11.62 -7.32
C ILE A 6 22.35 -10.64 -6.38
N ALA A 7 21.07 -10.39 -6.64
CA ALA A 7 20.18 -9.74 -5.67
C ALA A 7 19.46 -10.82 -4.85
N ILE A 8 19.40 -10.64 -3.53
CA ILE A 8 18.56 -11.47 -2.66
C ILE A 8 17.52 -10.55 -2.06
N PHE A 9 16.23 -10.87 -2.32
CA PHE A 9 15.09 -10.28 -1.65
C PHE A 9 14.68 -11.18 -0.51
N GLY A 10 14.46 -10.58 0.66
CA GLY A 10 14.22 -11.34 1.87
C GLY A 10 15.44 -11.89 2.57
N ALA A 11 16.61 -11.22 2.44
CA ALA A 11 17.82 -11.77 3.03
C ALA A 11 17.79 -11.79 4.56
N THR A 12 16.97 -10.93 5.18
CA THR A 12 16.93 -10.90 6.65
C THR A 12 16.06 -11.99 7.26
N GLY A 13 15.35 -12.77 6.43
CA GLY A 13 14.39 -13.73 6.90
C GLY A 13 15.03 -15.05 7.25
N GLN A 14 14.18 -15.99 7.66
CA GLN A 14 14.67 -17.31 8.12
C GLN A 14 15.57 -17.99 7.08
N THR A 15 15.06 -18.16 5.86
CA THR A 15 15.88 -18.78 4.83
C THR A 15 16.86 -17.80 4.25
N GLY A 16 16.48 -16.51 4.13
CA GLY A 16 17.41 -15.56 3.56
C GLY A 16 18.73 -15.47 4.28
N LEU A 17 18.72 -15.55 5.64
CA LEU A 17 19.96 -15.35 6.38
C LEU A 17 20.98 -16.41 6.04
N THR A 18 20.53 -17.66 5.94
CA THR A 18 21.49 -18.73 5.65
C THR A 18 21.82 -18.77 4.17
N THR A 19 20.87 -18.35 3.30
CA THR A 19 21.20 -18.18 1.88
C THR A 19 22.27 -17.13 1.70
N LEU A 20 22.10 -15.98 2.36
CA LEU A 20 23.13 -14.95 2.28
C LEU A 20 24.48 -15.48 2.77
N ALA A 21 24.51 -16.17 3.92
CA ALA A 21 25.78 -16.63 4.45
C ALA A 21 26.44 -17.61 3.49
N GLN A 22 25.66 -18.53 2.93
CA GLN A 22 26.21 -19.48 1.96
C GLN A 22 26.67 -18.79 0.69
N ALA A 23 25.92 -17.81 0.21
CA ALA A 23 26.34 -17.10 -1.02
C ALA A 23 27.64 -16.34 -0.81
N VAL A 24 27.77 -15.66 0.31
CA VAL A 24 29.02 -14.95 0.57
C VAL A 24 30.17 -15.94 0.66
N GLN A 25 29.95 -17.08 1.34
CA GLN A 25 31.03 -18.07 1.45
C GLN A 25 31.41 -18.62 0.09
N ALA A 26 30.45 -18.73 -0.82
CA ALA A 26 30.71 -19.29 -2.14
C ALA A 26 31.30 -18.27 -3.11
N GLY A 27 31.52 -17.02 -2.70
CA GLY A 27 32.16 -16.05 -3.56
C GLY A 27 31.21 -15.15 -4.31
N TYR A 28 29.91 -15.23 -4.04
CA TYR A 28 28.96 -14.33 -4.72
C TYR A 28 29.13 -12.89 -4.23
N GLU A 29 28.85 -11.95 -5.14
CA GLU A 29 28.85 -10.52 -4.85
C GLU A 29 27.37 -10.20 -4.69
N VAL A 30 26.90 -10.13 -3.44
CA VAL A 30 25.47 -10.10 -3.11
C VAL A 30 25.02 -8.68 -2.83
N THR A 31 23.91 -8.29 -3.44
CA THR A 31 23.17 -7.09 -3.12
C THR A 31 21.90 -7.52 -2.38
N VAL A 32 21.56 -6.84 -1.28
CA VAL A 32 20.31 -7.11 -0.58
C VAL A 32 19.46 -5.84 -0.59
N LEU A 33 18.13 -6.02 -0.58
CA LEU A 33 17.14 -4.99 -0.26
C LEU A 33 16.64 -5.27 1.16
N VAL A 34 16.83 -4.32 2.08
CA VAL A 34 16.38 -4.46 3.47
C VAL A 34 15.51 -3.25 3.81
N ARG A 35 14.46 -3.53 4.59
CA ARG A 35 13.64 -2.45 5.12
C ARG A 35 14.41 -1.71 6.20
N ASP A 36 14.14 -0.41 6.31
CA ASP A 36 15.00 0.45 7.13
C ASP A 36 15.04 -0.04 8.58
N SER A 37 13.91 -0.54 9.09
CA SER A 37 13.86 -0.96 10.50
C SER A 37 14.45 -2.34 10.72
N SER A 38 14.84 -3.06 9.67
CA SER A 38 15.24 -4.46 9.82
C SER A 38 16.47 -4.71 8.95
N ARG A 39 17.61 -4.27 9.46
CA ARG A 39 18.87 -4.51 8.77
C ARG A 39 19.40 -5.91 9.11
N LEU A 40 20.40 -6.30 8.35
CA LEU A 40 21.11 -7.55 8.66
C LEU A 40 21.78 -7.47 10.02
N PRO A 41 21.83 -8.58 10.74
CA PRO A 41 22.46 -8.59 12.07
C PRO A 41 23.94 -8.24 12.03
N SER A 42 24.39 -7.67 13.16
CA SER A 42 25.63 -6.89 13.25
C SER A 42 26.83 -7.59 12.63
N GLU A 43 27.14 -8.79 13.09
CA GLU A 43 28.36 -9.45 12.68
C GLU A 43 28.06 -10.83 12.14
N GLY A 44 26.97 -10.94 11.38
CA GLY A 44 26.85 -11.99 10.41
C GLY A 44 27.62 -11.62 9.17
N PRO A 45 27.52 -12.45 8.13
CA PRO A 45 28.15 -12.15 6.84
C PRO A 45 27.73 -10.81 6.26
N ARG A 46 28.70 -10.06 5.73
CA ARG A 46 28.31 -8.79 5.12
C ARG A 46 28.14 -8.95 3.62
N PRO A 47 27.03 -8.52 3.04
CA PRO A 47 26.90 -8.52 1.59
C PRO A 47 27.72 -7.39 0.97
N ALA A 48 27.91 -7.50 -0.35
CA ALA A 48 28.70 -6.52 -1.08
C ALA A 48 27.99 -5.18 -1.18
N HIS A 49 26.65 -5.19 -1.22
CA HIS A 49 25.89 -3.97 -1.45
C HIS A 49 24.58 -4.03 -0.67
N VAL A 50 24.19 -2.92 -0.04
CA VAL A 50 22.92 -2.87 0.68
C VAL A 50 22.08 -1.71 0.13
N VAL A 51 20.85 -2.02 -0.27
CA VAL A 51 19.82 -1.03 -0.61
C VAL A 51 18.83 -1.04 0.53
N VAL A 52 18.55 0.13 1.10
CA VAL A 52 17.56 0.24 2.16
C VAL A 52 16.27 0.75 1.53
N GLY A 53 15.19 -0.01 1.67
CA GLY A 53 13.93 0.42 1.06
C GLY A 53 12.91 -0.70 1.16
N ASP A 54 12.01 -0.75 0.18
CA ASP A 54 10.86 -1.63 0.27
C ASP A 54 10.56 -2.23 -1.09
N VAL A 55 10.27 -3.53 -1.09
CA VAL A 55 9.93 -4.20 -2.34
C VAL A 55 8.65 -3.66 -2.96
N LEU A 56 7.86 -2.92 -2.19
CA LEU A 56 6.65 -2.28 -2.70
C LEU A 56 6.94 -0.95 -3.37
N GLN A 57 8.20 -0.51 -3.43
CA GLN A 57 8.59 0.67 -4.23
C GLN A 57 9.38 0.24 -5.46
N ALA A 58 8.81 0.46 -6.65
CA ALA A 58 9.50 0.13 -7.88
C ALA A 58 10.90 0.73 -7.89
N ALA A 59 11.08 1.95 -7.37
CA ALA A 59 12.40 2.58 -7.42
C ALA A 59 13.43 1.78 -6.63
N ASP A 60 13.03 1.25 -5.48
CA ASP A 60 13.97 0.53 -4.62
C ASP A 60 14.32 -0.82 -5.24
N VAL A 61 13.32 -1.49 -5.82
CA VAL A 61 13.57 -2.75 -6.50
C VAL A 61 14.48 -2.54 -7.71
N ASP A 62 14.23 -1.48 -8.50
CA ASP A 62 15.10 -1.16 -9.63
CA ASP A 62 15.10 -1.16 -9.63
C ASP A 62 16.56 -0.98 -9.18
N LYS A 63 16.77 -0.28 -8.06
CA LYS A 63 18.13 -0.07 -7.56
C LYS A 63 18.80 -1.39 -7.19
N THR A 64 18.01 -2.33 -6.71
CA THR A 64 18.52 -3.62 -6.23
C THR A 64 18.83 -4.58 -7.39
N VAL A 65 18.00 -4.55 -8.44
CA VAL A 65 18.17 -5.47 -9.56
C VAL A 65 19.22 -4.97 -10.56
N ALA A 66 19.41 -3.64 -10.66
CA ALA A 66 20.37 -3.10 -11.63
C ALA A 66 21.72 -3.79 -11.53
N GLY A 67 22.23 -4.23 -12.69
CA GLY A 67 23.59 -4.76 -12.74
C GLY A 67 23.78 -6.17 -12.23
N GLN A 68 22.71 -6.86 -11.84
CA GLN A 68 22.84 -8.24 -11.38
C GLN A 68 22.90 -9.24 -12.53
N ASP A 69 23.40 -10.43 -12.18
CA ASP A 69 23.33 -11.60 -13.03
C ASP A 69 22.07 -12.42 -12.81
N ALA A 70 21.49 -12.38 -11.61
CA ALA A 70 20.36 -13.26 -11.26
C ALA A 70 19.74 -12.73 -9.99
N VAL A 71 18.52 -13.19 -9.72
CA VAL A 71 17.74 -12.74 -8.58
C VAL A 71 17.25 -13.96 -7.80
N ILE A 72 17.38 -13.89 -6.48
CA ILE A 72 16.80 -14.88 -5.57
C ILE A 72 15.73 -14.18 -4.74
N VAL A 73 14.54 -14.80 -4.63
CA VAL A 73 13.39 -14.19 -3.94
C VAL A 73 12.98 -15.10 -2.81
N LEU A 74 13.12 -14.57 -1.57
CA LEU A 74 12.75 -15.25 -0.33
C LEU A 74 11.88 -14.30 0.52
N LEU A 75 11.01 -13.55 -0.16
CA LEU A 75 10.03 -12.68 0.52
C LEU A 75 9.04 -13.51 1.31
N GLY A 76 8.44 -12.88 2.30
CA GLY A 76 7.46 -13.56 3.15
C GLY A 76 7.03 -12.62 4.24
N THR A 77 6.13 -13.11 5.09
CA THR A 77 5.51 -12.24 6.08
C THR A 77 5.77 -12.72 7.51
N ARG A 78 6.89 -13.44 7.71
CA ARG A 78 7.33 -14.01 9.01
C ARG A 78 6.17 -14.77 9.64
N ASN A 79 5.83 -14.51 10.90
CA ASN A 79 4.78 -15.24 11.57
C ASN A 79 3.39 -14.61 11.38
N ASP A 80 3.27 -13.58 10.52
CA ASP A 80 2.00 -12.89 10.31
C ASP A 80 1.21 -13.63 9.23
N LEU A 81 0.03 -14.11 9.54
CA LEU A 81 -0.69 -14.90 8.55
C LEU A 81 -1.80 -14.08 7.89
N SER A 82 -1.78 -12.76 8.03
CA SER A 82 -2.93 -12.02 7.58
C SER A 82 -2.90 -11.85 6.05
N PRO A 83 -4.04 -11.44 5.46
CA PRO A 83 -4.07 -11.21 4.01
C PRO A 83 -3.03 -10.19 3.58
N THR A 84 -2.43 -10.42 2.42
CA THR A 84 -1.30 -9.61 2.00
C THR A 84 -1.13 -9.75 0.49
N THR A 85 -0.55 -8.72 -0.10
CA THR A 85 -0.07 -8.83 -1.49
C THR A 85 1.41 -8.49 -1.60
N VAL A 86 2.15 -8.53 -0.48
CA VAL A 86 3.51 -8.03 -0.54
C VAL A 86 4.36 -8.92 -1.44
N MET A 87 4.13 -10.25 -1.45
CA MET A 87 4.93 -11.12 -2.29
C MET A 87 4.57 -10.96 -3.78
N SER A 88 3.27 -10.89 -4.11
CA SER A 88 2.90 -10.76 -5.51
C SER A 88 3.22 -9.38 -6.06
N GLU A 89 2.92 -8.32 -5.28
CA GLU A 89 3.26 -7.00 -5.79
C GLU A 89 4.78 -6.84 -5.87
N GLY A 90 5.49 -7.34 -4.87
CA GLY A 90 6.94 -7.29 -4.95
C GLY A 90 7.46 -8.01 -6.18
N ALA A 91 6.88 -9.19 -6.48
CA ALA A 91 7.31 -9.91 -7.69
C ALA A 91 7.00 -9.11 -8.95
N ARG A 92 5.86 -8.44 -9.00
CA ARG A 92 5.57 -7.59 -10.15
CA ARG A 92 5.54 -7.56 -10.13
C ARG A 92 6.67 -6.54 -10.34
N ASN A 93 7.11 -5.89 -9.24
CA ASN A 93 8.21 -4.93 -9.37
C ASN A 93 9.50 -5.59 -9.76
N ILE A 94 9.77 -6.81 -9.24
CA ILE A 94 11.02 -7.50 -9.59
C ILE A 94 11.03 -7.86 -11.07
N VAL A 95 9.89 -8.36 -11.58
CA VAL A 95 9.77 -8.68 -13.01
C VAL A 95 10.07 -7.46 -13.85
N ALA A 96 9.42 -6.33 -13.52
CA ALA A 96 9.61 -5.12 -14.33
C ALA A 96 11.06 -4.66 -14.31
N ALA A 97 11.71 -4.73 -13.14
CA ALA A 97 13.11 -4.35 -13.05
C ALA A 97 14.00 -5.30 -13.82
N MET A 98 13.75 -6.61 -13.72
CA MET A 98 14.59 -7.55 -14.46
C MET A 98 14.47 -7.32 -15.97
N LYS A 99 13.25 -7.07 -16.47
CA LYS A 99 13.12 -6.81 -17.90
C LYS A 99 13.87 -5.55 -18.30
N ALA A 100 13.76 -4.48 -17.47
CA ALA A 100 14.37 -3.21 -17.81
C ALA A 100 15.89 -3.30 -17.77
N HIS A 101 16.43 -4.15 -16.90
CA HIS A 101 17.86 -4.27 -16.73
C HIS A 101 18.52 -5.47 -17.41
N GLY A 102 17.79 -6.26 -18.20
CA GLY A 102 18.46 -7.37 -18.86
C GLY A 102 18.84 -8.53 -17.96
N VAL A 103 18.11 -8.76 -16.87
CA VAL A 103 18.29 -9.94 -16.01
C VAL A 103 17.21 -10.96 -16.36
N ASP A 104 17.61 -12.20 -16.52
CA ASP A 104 16.71 -13.26 -16.97
CA ASP A 104 16.67 -13.23 -16.94
C ASP A 104 16.38 -14.26 -15.88
N LYS A 105 17.37 -14.59 -15.04
CA LYS A 105 17.24 -15.71 -14.10
C LYS A 105 16.64 -15.26 -12.78
N VAL A 106 15.50 -15.84 -12.41
CA VAL A 106 14.89 -15.57 -11.10
C VAL A 106 14.51 -16.89 -10.45
N VAL A 107 15.03 -17.09 -9.24
CA VAL A 107 14.72 -18.29 -8.46
C VAL A 107 13.88 -17.83 -7.28
N ALA A 108 12.60 -18.22 -7.20
CA ALA A 108 11.71 -17.57 -6.24
C ALA A 108 10.91 -18.59 -5.46
N CYS A 109 10.83 -18.37 -4.14
CA CYS A 109 10.19 -19.30 -3.22
C CYS A 109 8.72 -18.94 -3.04
N THR A 110 7.82 -19.90 -3.33
CA THR A 110 6.42 -19.79 -2.90
C THR A 110 6.20 -20.89 -1.86
N SER A 111 5.54 -22.00 -2.22
CA SER A 111 5.20 -22.98 -1.21
C SER A 111 4.70 -24.25 -1.91
N ALA A 112 4.98 -25.40 -1.30
CA ALA A 112 4.40 -26.64 -1.79
C ALA A 112 2.87 -26.65 -1.78
N PHE A 113 2.22 -25.75 -1.04
CA PHE A 113 0.77 -25.77 -1.08
C PHE A 113 0.24 -25.49 -2.50
N LEU A 114 1.06 -24.85 -3.35
CA LEU A 114 0.65 -24.69 -4.75
C LEU A 114 0.60 -26.03 -5.47
N LEU A 115 1.14 -27.11 -4.88
CA LEU A 115 1.05 -28.42 -5.48
C LEU A 115 0.08 -29.32 -4.74
N TRP A 116 -0.55 -28.83 -3.67
CA TRP A 116 -1.50 -29.61 -2.90
C TRP A 116 -2.87 -29.59 -3.58
N ASP A 117 -3.68 -30.58 -3.24
CA ASP A 117 -5.12 -30.49 -3.43
C ASP A 117 -5.62 -29.24 -2.71
N PRO A 118 -6.22 -28.28 -3.39
CA PRO A 118 -6.62 -27.03 -2.71
C PRO A 118 -7.54 -27.25 -1.52
N THR A 119 -8.34 -28.31 -1.52
CA THR A 119 -9.23 -28.51 -0.39
C THR A 119 -8.50 -28.97 0.86
N LYS A 120 -7.21 -29.31 0.76
CA LYS A 120 -6.43 -29.76 1.91
C LYS A 120 -5.55 -28.66 2.49
N VAL A 121 -5.41 -27.52 1.82
CA VAL A 121 -4.57 -26.44 2.37
C VAL A 121 -5.18 -25.97 3.68
N PRO A 122 -4.43 -25.88 4.77
CA PRO A 122 -4.98 -25.42 6.05
C PRO A 122 -5.56 -24.03 5.93
N PRO A 123 -6.81 -23.80 6.37
CA PRO A 123 -7.40 -22.45 6.25
C PRO A 123 -6.58 -21.38 6.92
N ARG A 124 -5.87 -21.67 8.02
CA ARG A 124 -5.10 -20.63 8.68
C ARG A 124 -3.99 -20.09 7.78
N LEU A 125 -3.53 -20.91 6.83
CA LEU A 125 -2.45 -20.53 5.92
C LEU A 125 -2.95 -20.14 4.55
N GLN A 126 -4.27 -20.04 4.38
CA GLN A 126 -4.81 -19.76 3.04
C GLN A 126 -4.61 -18.31 2.56
N ALA A 127 -4.60 -17.32 3.45
CA ALA A 127 -4.36 -15.94 3.00
C ALA A 127 -2.95 -15.81 2.44
N VAL A 128 -1.98 -16.42 3.09
CA VAL A 128 -0.62 -16.36 2.58
C VAL A 128 -0.51 -17.15 1.29
N THR A 129 -1.07 -18.36 1.28
CA THR A 129 -1.12 -19.18 0.07
C THR A 129 -1.75 -18.45 -1.11
N ASP A 130 -2.85 -17.71 -0.87
CA ASP A 130 -3.42 -16.89 -1.95
C ASP A 130 -2.38 -15.97 -2.57
N ASP A 131 -1.54 -15.35 -1.74
CA ASP A 131 -0.57 -14.45 -2.38
C ASP A 131 0.59 -15.18 -3.04
N HIS A 132 0.99 -16.36 -2.52
CA HIS A 132 1.89 -17.22 -3.27
C HIS A 132 1.33 -17.58 -4.64
N ILE A 133 0.03 -17.89 -4.71
CA ILE A 133 -0.60 -18.20 -6.01
C ILE A 133 -0.50 -17.00 -6.94
N ARG A 134 -0.78 -15.79 -6.39
CA ARG A 134 -0.68 -14.59 -7.21
C ARG A 134 0.76 -14.37 -7.66
N MET A 135 1.71 -14.59 -6.76
CA MET A 135 3.10 -14.34 -7.08
C MET A 135 3.58 -15.31 -8.16
N HIS A 136 3.24 -16.59 -8.03
CA HIS A 136 3.60 -17.58 -9.02
C HIS A 136 3.07 -17.22 -10.40
N LYS A 137 1.82 -16.74 -10.49
CA LYS A 137 1.30 -16.36 -11.80
C LYS A 137 2.10 -15.20 -12.39
N VAL A 138 2.46 -14.19 -11.55
CA VAL A 138 3.25 -13.07 -12.03
C VAL A 138 4.57 -13.55 -12.64
N LEU A 139 5.25 -14.46 -11.94
CA LEU A 139 6.56 -14.90 -12.41
C LEU A 139 6.43 -15.83 -13.62
N ARG A 140 5.43 -16.71 -13.61
CA ARG A 140 5.27 -17.63 -14.76
C ARG A 140 4.94 -16.83 -16.02
N GLU A 141 4.08 -15.82 -15.90
CA GLU A 141 3.66 -15.05 -17.08
C GLU A 141 4.73 -14.11 -17.60
N SER A 142 5.81 -13.87 -16.84
CA SER A 142 6.78 -12.86 -17.20
C SER A 142 7.65 -13.25 -18.39
N GLY A 143 7.78 -14.54 -18.67
CA GLY A 143 8.67 -14.98 -19.75
C GLY A 143 10.12 -15.10 -19.31
N LEU A 144 10.43 -14.75 -18.06
CA LEU A 144 11.77 -14.82 -17.55
C LEU A 144 12.12 -16.27 -17.29
N LYS A 145 13.41 -16.53 -17.08
CA LYS A 145 13.89 -17.87 -16.70
C LYS A 145 13.65 -18.06 -15.22
N TYR A 146 12.48 -18.62 -14.91
CA TYR A 146 11.91 -18.64 -13.56
C TYR A 146 11.98 -20.06 -13.04
N VAL A 147 12.66 -20.24 -11.93
CA VAL A 147 12.60 -21.50 -11.17
C VAL A 147 11.63 -21.32 -10.01
N ALA A 148 10.52 -22.05 -10.04
CA ALA A 148 9.51 -21.94 -8.99
C ALA A 148 9.86 -22.93 -7.90
N VAL A 149 10.33 -22.43 -6.77
CA VAL A 149 10.73 -23.27 -5.64
C VAL A 149 9.56 -23.36 -4.68
N MET A 150 9.05 -24.56 -4.43
CA MET A 150 7.81 -24.77 -3.69
C MET A 150 8.07 -25.74 -2.54
N PRO A 151 8.65 -25.26 -1.47
CA PRO A 151 9.09 -26.16 -0.39
C PRO A 151 7.94 -26.54 0.53
N PRO A 152 8.10 -27.65 1.22
CA PRO A 152 7.16 -28.01 2.29
C PRO A 152 7.61 -27.35 3.57
N HIS A 153 7.38 -27.94 4.73
CA HIS A 153 7.72 -27.25 5.98
C HIS A 153 9.21 -26.93 6.04
N ILE A 154 9.55 -25.69 6.41
CA ILE A 154 10.94 -25.25 6.54
C ILE A 154 11.39 -25.44 7.99
N GLY A 155 12.41 -26.28 8.22
CA GLY A 155 12.88 -26.58 9.55
C GLY A 155 14.25 -26.01 9.83
N ASP A 156 14.82 -26.41 10.99
CA ASP A 156 16.10 -25.93 11.47
CA ASP A 156 16.14 -25.90 11.36
C ASP A 156 17.18 -27.02 11.43
N GLN A 157 16.94 -28.07 10.66
CA GLN A 157 17.88 -29.17 10.50
C GLN A 157 19.11 -28.70 9.74
N PRO A 158 20.17 -29.50 9.63
CA PRO A 158 21.42 -29.02 9.05
C PRO A 158 21.39 -28.76 7.58
N LEU A 159 22.47 -28.08 7.14
CA LEU A 159 22.84 -28.09 5.73
C LEU A 159 23.38 -29.46 5.41
N THR A 160 22.79 -30.13 4.42
CA THR A 160 23.31 -31.43 3.96
C THR A 160 23.71 -31.45 2.48
N GLY A 161 23.06 -30.65 1.64
CA GLY A 161 23.23 -30.80 0.18
C GLY A 161 22.74 -32.11 -0.37
N ALA A 162 22.06 -32.91 0.43
CA ALA A 162 21.74 -34.29 0.07
C ALA A 162 20.24 -34.48 -0.16
N TYR A 163 19.50 -33.39 -0.19
CA TYR A 163 18.06 -33.41 -0.33
C TYR A 163 17.62 -33.88 -1.73
N THR A 164 16.38 -34.36 -1.78
CA THR A 164 15.69 -34.69 -3.03
C THR A 164 15.11 -33.42 -3.65
N VAL A 165 15.18 -33.35 -4.99
CA VAL A 165 14.51 -32.28 -5.73
C VAL A 165 13.47 -32.94 -6.63
N THR A 166 12.21 -32.73 -6.35
CA THR A 166 11.10 -33.31 -7.13
C THR A 166 10.57 -32.27 -8.11
N LEU A 167 10.51 -32.64 -9.40
CA LEU A 167 10.07 -31.68 -10.43
C LEU A 167 8.59 -31.84 -10.68
N ASP A 168 7.87 -30.73 -10.57
CA ASP A 168 6.48 -30.64 -11.03
C ASP A 168 5.58 -31.64 -10.30
N GLY A 169 5.75 -31.72 -8.99
CA GLY A 169 4.91 -32.57 -8.14
C GLY A 169 5.44 -32.56 -6.72
N ARG A 170 4.67 -33.16 -5.81
CA ARG A 170 5.10 -33.25 -4.41
C ARG A 170 6.16 -34.32 -4.26
N GLY A 171 7.11 -34.08 -3.38
CA GLY A 171 8.19 -35.02 -3.10
C GLY A 171 7.90 -35.96 -1.96
N PRO A 172 8.87 -36.83 -1.65
CA PRO A 172 8.62 -37.95 -0.74
C PRO A 172 8.73 -37.62 0.74
N SER A 173 9.18 -36.42 1.11
CA SER A 173 9.24 -35.98 2.49
C SER A 173 8.51 -34.65 2.59
N ARG A 174 8.19 -34.28 3.83
CA ARG A 174 7.41 -33.08 4.09
C ARG A 174 8.19 -32.01 4.83
N VAL A 175 9.51 -32.08 4.83
CA VAL A 175 10.33 -31.01 5.40
C VAL A 175 11.54 -30.75 4.52
N ILE A 176 12.07 -29.55 4.66
CA ILE A 176 13.39 -29.17 4.15
C ILE A 176 13.98 -28.24 5.16
N SER A 177 15.25 -28.39 5.46
CA SER A 177 15.83 -27.40 6.38
C SER A 177 16.00 -26.06 5.68
N LYS A 178 15.99 -24.98 6.48
CA LYS A 178 16.22 -23.67 5.88
C LYS A 178 17.57 -23.61 5.18
N HIS A 179 18.57 -24.27 5.76
CA HIS A 179 19.89 -24.26 5.16
C HIS A 179 19.90 -24.99 3.83
N ASP A 180 19.29 -26.18 3.76
CA ASP A 180 19.18 -26.89 2.48
C ASP A 180 18.32 -26.13 1.47
N LEU A 181 17.27 -25.46 1.91
CA LEU A 181 16.50 -24.64 0.99
C LEU A 181 17.38 -23.55 0.38
N GLY A 182 18.14 -22.84 1.21
CA GLY A 182 19.02 -21.83 0.66
C GLY A 182 20.08 -22.41 -0.25
N HIS A 183 20.63 -23.58 0.11
CA HIS A 183 21.58 -24.27 -0.78
C HIS A 183 20.95 -24.53 -2.15
N PHE A 184 19.69 -24.96 -2.16
CA PHE A 184 19.05 -25.25 -3.43
C PHE A 184 18.79 -23.98 -4.21
N MET A 185 18.39 -22.88 -3.54
CA MET A 185 18.18 -21.63 -4.29
C MET A 185 19.47 -21.25 -5.01
N LEU A 186 20.61 -21.42 -4.34
CA LEU A 186 21.89 -21.09 -4.98
C LEU A 186 22.26 -22.10 -6.07
N ARG A 187 21.97 -23.39 -5.85
CA ARG A 187 22.25 -24.38 -6.90
C ARG A 187 21.53 -24.03 -8.19
N CYS A 188 20.31 -23.46 -8.06
CA CYS A 188 19.52 -23.13 -9.24
C CYS A 188 20.19 -22.05 -10.09
N LEU A 189 21.15 -21.32 -9.53
CA LEU A 189 21.88 -20.33 -10.31
C LEU A 189 22.88 -20.94 -11.26
N THR A 190 23.27 -22.19 -11.05
CA THR A 190 24.37 -22.82 -11.77
C THR A 190 23.89 -23.79 -12.83
N THR A 191 22.58 -23.90 -13.04
CA THR A 191 22.08 -24.86 -14.00
C THR A 191 20.82 -24.30 -14.62
N ASP A 192 20.51 -24.71 -15.87
CA ASP A 192 19.23 -24.31 -16.44
CA ASP A 192 19.24 -24.33 -16.49
C ASP A 192 18.18 -25.42 -16.32
N GLU A 193 18.51 -26.52 -15.65
CA GLU A 193 17.62 -27.67 -15.77
C GLU A 193 16.29 -27.48 -15.07
N TYR A 194 16.19 -26.54 -14.12
CA TYR A 194 14.93 -26.33 -13.41
C TYR A 194 14.14 -25.16 -13.98
N ASP A 195 14.69 -24.44 -14.96
CA ASP A 195 14.01 -23.26 -15.52
C ASP A 195 12.64 -23.69 -16.06
N GLY A 196 11.59 -22.95 -15.68
CA GLY A 196 10.27 -23.25 -16.18
C GLY A 196 9.59 -24.42 -15.50
N HIS A 197 10.21 -24.99 -14.47
CA HIS A 197 9.62 -26.05 -13.68
C HIS A 197 9.25 -25.56 -12.29
N SER A 198 8.36 -26.30 -11.65
CA SER A 198 8.21 -26.20 -10.20
CA SER A 198 8.22 -26.21 -10.19
C SER A 198 9.13 -27.22 -9.55
N THR A 199 9.72 -26.85 -8.43
CA THR A 199 10.69 -27.73 -7.77
C THR A 199 10.30 -27.86 -6.32
N TYR A 200 10.30 -29.07 -5.78
CA TYR A 200 9.93 -29.30 -4.40
C TYR A 200 11.13 -29.94 -3.74
N PRO A 201 11.92 -29.19 -3.01
CA PRO A 201 13.05 -29.77 -2.26
C PRO A 201 12.57 -30.35 -0.93
N SER A 202 13.05 -31.56 -0.61
CA SER A 202 12.66 -32.15 0.67
C SER A 202 13.72 -33.16 1.07
N HIS A 203 13.70 -33.50 2.36
CA HIS A 203 14.75 -34.41 2.86
C HIS A 203 14.29 -35.10 4.13
N GLN A 204 14.99 -36.17 4.44
CA GLN A 204 14.80 -36.89 5.69
C GLN A 204 16.11 -36.75 6.44
N TYR A 205 16.09 -36.06 7.59
CA TYR A 205 17.29 -35.70 8.33
C TYR A 205 17.56 -36.82 9.31
N GLN A 206 18.68 -37.50 9.12
CA GLN A 206 18.99 -38.69 9.89
C GLN A 206 20.47 -38.99 9.86
N MET B 1 -36.03 -13.84 -27.04
CA MET B 1 -35.02 -13.07 -26.33
C MET B 1 -33.61 -13.54 -26.68
N ALA B 2 -33.42 -14.04 -27.90
CA ALA B 2 -32.11 -14.55 -28.31
C ALA B 2 -31.10 -13.42 -28.34
N VAL B 3 -30.02 -13.57 -27.59
CA VAL B 3 -28.96 -12.58 -27.58
C VAL B 3 -28.07 -12.80 -28.80
N LYS B 4 -28.00 -11.81 -29.69
CA LYS B 4 -27.07 -11.79 -30.82
C LYS B 4 -26.01 -10.71 -30.70
N LYS B 5 -26.37 -9.51 -30.23
CA LYS B 5 -25.46 -8.37 -30.21
C LYS B 5 -25.11 -8.10 -28.76
N ILE B 6 -23.84 -8.09 -28.43
CA ILE B 6 -23.43 -7.73 -27.09
C ILE B 6 -22.37 -6.66 -27.14
N ALA B 7 -22.34 -5.85 -26.08
CA ALA B 7 -21.22 -4.97 -25.79
C ALA B 7 -20.35 -5.63 -24.74
N ILE B 8 -19.05 -5.53 -24.90
CA ILE B 8 -18.11 -5.93 -23.84
C ILE B 8 -17.32 -4.71 -23.40
N PHE B 9 -17.37 -4.42 -22.10
CA PHE B 9 -16.51 -3.41 -21.50
C PHE B 9 -15.35 -4.13 -20.81
N GLY B 10 -14.14 -3.62 -20.99
CA GLY B 10 -12.96 -4.29 -20.46
C GLY B 10 -12.43 -5.36 -21.38
N ALA B 11 -12.70 -5.26 -22.69
CA ALA B 11 -12.31 -6.31 -23.62
C ALA B 11 -10.80 -6.45 -23.79
N THR B 12 -9.99 -5.46 -23.42
CA THR B 12 -8.54 -5.53 -23.61
C THR B 12 -7.85 -6.12 -22.39
N GLY B 13 -8.60 -6.45 -21.34
CA GLY B 13 -8.02 -7.01 -20.14
C GLY B 13 -7.83 -8.51 -20.27
N GLN B 14 -7.29 -9.10 -19.22
CA GLN B 14 -6.92 -10.51 -19.29
C GLN B 14 -8.14 -11.40 -19.54
N THR B 15 -9.22 -11.16 -18.78
CA THR B 15 -10.46 -11.91 -18.99
C THR B 15 -11.21 -11.39 -20.21
N GLY B 16 -11.23 -10.06 -20.40
CA GLY B 16 -11.90 -9.51 -21.55
C GLY B 16 -11.41 -10.06 -22.89
N LEU B 17 -10.09 -10.22 -23.05
CA LEU B 17 -9.58 -10.66 -24.34
C LEU B 17 -10.08 -12.06 -24.70
N THR B 18 -10.05 -12.99 -23.75
CA THR B 18 -10.52 -14.35 -24.07
C THR B 18 -12.06 -14.43 -24.14
N THR B 19 -12.76 -13.58 -23.39
CA THR B 19 -14.22 -13.52 -23.54
C THR B 19 -14.57 -13.01 -24.94
N LEU B 20 -13.91 -11.94 -25.38
CA LEU B 20 -14.11 -11.43 -26.74
C LEU B 20 -13.82 -12.52 -27.78
N ALA B 21 -12.67 -13.19 -27.64
CA ALA B 21 -12.30 -14.19 -28.64
C ALA B 21 -13.34 -15.29 -28.69
N GLN B 22 -13.76 -15.79 -27.51
CA GLN B 22 -14.78 -16.83 -27.46
C GLN B 22 -16.10 -16.33 -28.02
N ALA B 23 -16.45 -15.06 -27.75
CA ALA B 23 -17.73 -14.56 -28.23
C ALA B 23 -17.73 -14.46 -29.75
N VAL B 24 -16.61 -14.01 -30.34
CA VAL B 24 -16.51 -13.91 -31.79
C VAL B 24 -16.54 -15.31 -32.44
N GLN B 25 -15.82 -16.26 -31.87
CA GLN B 25 -15.86 -17.60 -32.46
C GLN B 25 -17.26 -18.19 -32.39
N ALA B 26 -18.02 -17.88 -31.33
CA ALA B 26 -19.35 -18.48 -31.15
C ALA B 26 -20.40 -17.85 -32.04
N GLY B 27 -20.09 -16.69 -32.63
CA GLY B 27 -21.04 -16.04 -33.54
C GLY B 27 -21.61 -14.74 -33.06
N TYR B 28 -21.32 -14.27 -31.86
CA TYR B 28 -21.92 -13.02 -31.39
C TYR B 28 -21.41 -11.89 -32.23
N GLU B 29 -22.26 -10.87 -32.42
CA GLU B 29 -21.87 -9.61 -33.01
C GLU B 29 -21.45 -8.71 -31.85
N VAL B 30 -20.14 -8.53 -31.69
CA VAL B 30 -19.57 -7.92 -30.48
C VAL B 30 -19.17 -6.48 -30.74
N THR B 31 -19.58 -5.56 -29.85
CA THR B 31 -19.12 -4.18 -29.82
C THR B 31 -18.27 -4.01 -28.58
N VAL B 32 -17.09 -3.42 -28.75
CA VAL B 32 -16.24 -3.15 -27.59
C VAL B 32 -15.96 -1.66 -27.49
N LEU B 33 -15.79 -1.18 -26.26
CA LEU B 33 -15.33 0.18 -25.96
C LEU B 33 -13.89 0.06 -25.51
N VAL B 34 -12.97 0.65 -26.26
CA VAL B 34 -11.56 0.59 -25.89
C VAL B 34 -10.96 1.99 -25.92
N ARG B 35 -10.11 2.30 -24.92
CA ARG B 35 -9.42 3.58 -24.96
C ARG B 35 -8.33 3.59 -26.03
N ASP B 36 -7.78 2.44 -26.41
CA ASP B 36 -6.67 2.35 -27.36
C ASP B 36 -6.85 1.08 -28.17
N SER B 37 -7.27 1.23 -29.43
CA SER B 37 -7.58 0.06 -30.25
C SER B 37 -6.34 -0.76 -30.59
N SER B 38 -5.14 -0.22 -30.39
CA SER B 38 -3.94 -1.00 -30.66
C SER B 38 -3.70 -2.08 -29.63
N ARG B 39 -4.46 -2.07 -28.53
CA ARG B 39 -4.40 -3.14 -27.52
C ARG B 39 -5.30 -4.31 -27.88
N LEU B 40 -6.10 -4.20 -28.96
CA LEU B 40 -6.79 -5.36 -29.49
C LEU B 40 -5.85 -6.13 -30.40
N PRO B 41 -5.94 -7.45 -30.45
CA PRO B 41 -5.04 -8.21 -31.31
C PRO B 41 -5.36 -7.97 -32.77
N SER B 42 -4.30 -7.88 -33.58
CA SER B 42 -4.47 -7.61 -35.00
C SER B 42 -4.73 -8.88 -35.80
N GLU B 43 -4.79 -10.05 -35.17
CA GLU B 43 -4.97 -11.28 -35.89
C GLU B 43 -6.04 -12.08 -35.19
N GLY B 44 -6.50 -13.16 -35.83
CA GLY B 44 -7.51 -14.03 -35.26
C GLY B 44 -8.87 -13.37 -35.09
N PRO B 45 -9.61 -13.80 -34.07
CA PRO B 45 -10.97 -13.27 -33.86
C PRO B 45 -10.96 -11.80 -33.46
N ARG B 46 -11.68 -10.96 -34.22
CA ARG B 46 -11.81 -9.52 -34.02
C ARG B 46 -13.28 -9.14 -33.83
N PRO B 47 -13.56 -8.11 -33.03
CA PRO B 47 -14.95 -7.66 -32.85
C PRO B 47 -15.56 -7.06 -34.09
N ALA B 48 -16.89 -7.06 -34.12
CA ALA B 48 -17.62 -6.47 -35.25
C ALA B 48 -17.53 -4.95 -35.22
N HIS B 49 -17.49 -4.37 -34.01
CA HIS B 49 -17.58 -2.92 -33.87
C HIS B 49 -16.63 -2.50 -32.77
N VAL B 50 -15.90 -1.42 -33.02
CA VAL B 50 -14.95 -0.85 -32.04
C VAL B 50 -15.33 0.60 -31.83
N VAL B 51 -15.66 0.97 -30.59
CA VAL B 51 -15.90 2.35 -30.21
C VAL B 51 -14.67 2.75 -29.43
N VAL B 52 -14.02 3.81 -29.85
CA VAL B 52 -12.83 4.31 -29.15
C VAL B 52 -13.29 5.37 -28.17
N GLY B 53 -13.02 5.15 -26.88
CA GLY B 53 -13.45 6.09 -25.86
C GLY B 53 -13.31 5.48 -24.48
N ASP B 54 -14.02 6.06 -23.53
CA ASP B 54 -13.71 5.86 -22.12
C ASP B 54 -15.01 5.54 -21.40
N VAL B 55 -15.00 4.55 -20.52
CA VAL B 55 -16.22 4.27 -19.77
C VAL B 55 -16.69 5.41 -18.85
N LEU B 56 -15.79 6.36 -18.53
CA LEU B 56 -16.13 7.54 -17.71
C LEU B 56 -16.86 8.60 -18.51
N GLN B 57 -16.91 8.45 -19.82
CA GLN B 57 -17.55 9.40 -20.74
C GLN B 57 -18.92 8.83 -21.13
N ALA B 58 -19.99 9.47 -20.62
CA ALA B 58 -21.33 8.92 -20.83
C ALA B 58 -21.63 8.75 -22.31
N ALA B 59 -21.19 9.69 -23.15
CA ALA B 59 -21.51 9.59 -24.57
C ALA B 59 -20.84 8.39 -25.22
N ASP B 60 -19.62 8.03 -24.79
CA ASP B 60 -18.95 6.87 -25.37
C ASP B 60 -19.65 5.60 -24.95
N VAL B 61 -20.10 5.56 -23.70
CA VAL B 61 -20.83 4.39 -23.21
C VAL B 61 -22.17 4.28 -23.93
N ASP B 62 -22.88 5.40 -24.09
CA ASP B 62 -24.13 5.35 -24.82
C ASP B 62 -23.95 4.77 -26.23
N LYS B 63 -22.89 5.22 -26.93
CA LYS B 63 -22.59 4.74 -28.28
C LYS B 63 -22.32 3.24 -28.29
N THR B 64 -21.79 2.73 -27.19
CA THR B 64 -21.44 1.32 -27.13
C THR B 64 -22.65 0.45 -26.81
N VAL B 65 -23.53 0.93 -25.95
CA VAL B 65 -24.70 0.20 -25.49
C VAL B 65 -25.83 0.23 -26.53
N ALA B 66 -25.95 1.32 -27.31
CA ALA B 66 -27.05 1.43 -28.28
C ALA B 66 -27.16 0.17 -29.11
N GLY B 67 -28.38 -0.34 -29.21
CA GLY B 67 -28.67 -1.45 -30.10
C GLY B 67 -28.25 -2.83 -29.63
N GLN B 68 -27.74 -2.96 -28.41
CA GLN B 68 -27.26 -4.27 -27.98
C GLN B 68 -28.40 -5.10 -27.41
N ASP B 69 -28.17 -6.40 -27.35
CA ASP B 69 -29.10 -7.25 -26.63
C ASP B 69 -28.70 -7.44 -25.18
N ALA B 70 -27.40 -7.33 -24.87
CA ALA B 70 -26.91 -7.57 -23.52
C ALA B 70 -25.54 -6.94 -23.40
N VAL B 71 -25.08 -6.78 -22.14
CA VAL B 71 -23.80 -6.14 -21.83
C VAL B 71 -22.99 -7.03 -20.91
N ILE B 72 -21.72 -7.22 -21.24
CA ILE B 72 -20.75 -7.89 -20.37
C ILE B 72 -19.79 -6.83 -19.81
N VAL B 73 -19.57 -6.87 -18.49
CA VAL B 73 -18.70 -5.88 -17.84
C VAL B 73 -17.51 -6.62 -17.23
N LEU B 74 -16.30 -6.34 -17.75
CA LEU B 74 -15.05 -6.90 -17.25
C LEU B 74 -14.04 -5.78 -17.03
N LEU B 75 -14.54 -4.66 -16.52
CA LEU B 75 -13.72 -3.51 -16.17
C LEU B 75 -12.82 -3.86 -14.99
N GLY B 76 -11.68 -3.19 -14.94
CA GLY B 76 -10.85 -3.29 -13.76
C GLY B 76 -9.87 -2.15 -13.76
N THR B 77 -9.39 -1.83 -12.56
CA THR B 77 -8.48 -0.70 -12.30
C THR B 77 -7.35 -1.39 -11.57
N ARG B 78 -6.57 -2.12 -12.36
CA ARG B 78 -5.60 -3.06 -11.77
CA ARG B 78 -5.60 -3.04 -11.81
C ARG B 78 -4.58 -2.40 -10.86
N ASN B 79 -4.04 -1.36 -11.36
CA ASN B 79 -3.03 -0.70 -10.68
C ASN B 79 -3.52 -0.04 -9.39
N ASP B 80 -4.82 0.29 -9.22
CA ASP B 80 -5.23 1.23 -8.15
C ASP B 80 -5.14 0.60 -6.76
N LEU B 81 -4.49 1.31 -5.85
CA LEU B 81 -4.20 0.80 -4.53
C LEU B 81 -4.88 1.61 -3.45
N SER B 82 -5.55 2.69 -3.84
CA SER B 82 -6.10 3.70 -2.91
C SER B 82 -7.43 4.14 -3.52
N PRO B 83 -8.30 4.84 -2.79
CA PRO B 83 -9.70 5.02 -3.25
C PRO B 83 -9.81 5.39 -4.72
N THR B 84 -10.71 4.68 -5.40
CA THR B 84 -10.89 4.78 -6.85
C THR B 84 -12.36 4.57 -7.16
N THR B 85 -12.89 5.27 -8.17
CA THR B 85 -14.31 5.15 -8.48
C THR B 85 -14.53 4.89 -9.97
N VAL B 86 -13.51 4.43 -10.69
CA VAL B 86 -13.68 4.25 -12.14
C VAL B 86 -14.72 3.20 -12.44
N MET B 87 -14.64 2.03 -11.79
CA MET B 87 -15.59 0.96 -12.08
C MET B 87 -17.02 1.37 -11.73
N SER B 88 -17.22 1.99 -10.56
CA SER B 88 -18.61 2.33 -10.20
C SER B 88 -19.15 3.48 -11.03
N GLU B 89 -18.32 4.45 -11.35
CA GLU B 89 -18.81 5.53 -12.22
C GLU B 89 -19.05 5.00 -13.63
N GLY B 90 -18.19 4.11 -14.11
CA GLY B 90 -18.49 3.41 -15.37
C GLY B 90 -19.82 2.66 -15.33
N ALA B 91 -20.06 1.91 -14.25
CA ALA B 91 -21.34 1.21 -14.11
C ALA B 91 -22.53 2.16 -14.11
N ARG B 92 -22.39 3.33 -13.47
CA ARG B 92 -23.49 4.27 -13.51
C ARG B 92 -23.77 4.68 -14.95
N ASN B 93 -22.71 4.95 -15.72
CA ASN B 93 -22.91 5.30 -17.13
C ASN B 93 -23.53 4.15 -17.91
N ILE B 94 -23.08 2.92 -17.64
CA ILE B 94 -23.62 1.78 -18.37
C ILE B 94 -25.10 1.61 -18.06
N VAL B 95 -25.48 1.77 -16.78
CA VAL B 95 -26.89 1.61 -16.38
C VAL B 95 -27.77 2.66 -17.06
N ALA B 96 -27.32 3.92 -17.05
CA ALA B 96 -28.13 4.97 -17.68
C ALA B 96 -28.28 4.70 -19.17
N ALA B 97 -27.22 4.18 -19.80
CA ALA B 97 -27.29 3.90 -21.24
C ALA B 97 -28.20 2.70 -21.51
N MET B 98 -28.08 1.64 -20.72
CA MET B 98 -28.99 0.49 -20.91
C MET B 98 -30.46 0.91 -20.76
N LYS B 99 -30.78 1.73 -19.75
CA LYS B 99 -32.16 2.19 -19.55
C LYS B 99 -32.62 3.00 -20.74
N ALA B 100 -31.76 3.88 -21.24
CA ALA B 100 -32.15 4.75 -22.34
C ALA B 100 -32.37 3.96 -23.63
N HIS B 101 -31.67 2.84 -23.81
CA HIS B 101 -31.79 2.07 -25.05
C HIS B 101 -32.59 0.78 -24.88
N GLY B 102 -33.20 0.57 -23.73
CA GLY B 102 -34.01 -0.63 -23.52
C GLY B 102 -33.22 -1.91 -23.52
N VAL B 103 -31.96 -1.87 -23.08
CA VAL B 103 -31.15 -3.08 -22.93
C VAL B 103 -31.32 -3.57 -21.49
N ASP B 104 -31.68 -4.85 -21.34
CA ASP B 104 -32.18 -5.34 -20.06
C ASP B 104 -31.24 -6.26 -19.30
N LYS B 105 -30.22 -6.80 -19.94
CA LYS B 105 -29.42 -7.87 -19.37
C LYS B 105 -27.98 -7.42 -19.23
N VAL B 106 -27.43 -7.50 -18.01
CA VAL B 106 -26.02 -7.20 -17.77
C VAL B 106 -25.40 -8.28 -16.91
N VAL B 107 -24.22 -8.72 -17.31
CA VAL B 107 -23.43 -9.72 -16.62
C VAL B 107 -22.14 -9.02 -16.27
N ALA B 108 -21.87 -8.82 -14.98
CA ALA B 108 -20.72 -8.02 -14.55
C ALA B 108 -19.89 -8.74 -13.51
N CYS B 109 -18.59 -8.58 -13.64
CA CYS B 109 -17.59 -9.26 -12.83
C CYS B 109 -17.11 -8.33 -11.73
N THR B 110 -17.22 -8.79 -10.47
CA THR B 110 -16.58 -8.11 -9.33
C THR B 110 -15.55 -9.08 -8.78
N SER B 111 -15.72 -9.62 -7.57
CA SER B 111 -14.76 -10.59 -7.05
C SER B 111 -15.39 -11.35 -5.89
N ALA B 112 -14.79 -12.53 -5.59
CA ALA B 112 -15.26 -13.33 -4.48
C ALA B 112 -15.08 -12.64 -3.13
N PHE B 113 -14.25 -11.59 -3.05
CA PHE B 113 -14.16 -10.87 -1.80
C PHE B 113 -15.53 -10.36 -1.37
N LEU B 114 -16.47 -10.16 -2.30
CA LEU B 114 -17.79 -9.67 -1.90
C LEU B 114 -18.61 -10.75 -1.22
N LEU B 115 -18.16 -12.01 -1.25
CA LEU B 115 -18.84 -13.12 -0.59
C LEU B 115 -18.19 -13.50 0.74
N TRP B 116 -17.02 -12.97 1.04
CA TRP B 116 -16.28 -13.36 2.23
C TRP B 116 -16.21 -12.21 3.22
N ASP B 117 -15.70 -12.53 4.41
CA ASP B 117 -15.61 -11.52 5.45
C ASP B 117 -14.72 -10.37 4.98
N PRO B 118 -15.10 -9.13 5.26
CA PRO B 118 -14.24 -8.01 4.85
C PRO B 118 -12.84 -8.07 5.38
N THR B 119 -12.60 -8.76 6.49
CA THR B 119 -11.23 -8.84 6.97
C THR B 119 -10.35 -9.76 6.12
N LYS B 120 -10.93 -10.46 5.16
CA LYS B 120 -10.15 -11.31 4.28
C LYS B 120 -9.45 -10.54 3.18
N VAL B 121 -9.75 -9.25 3.03
CA VAL B 121 -9.24 -8.47 1.90
C VAL B 121 -7.85 -7.95 2.17
N PRO B 122 -6.86 -8.28 1.34
CA PRO B 122 -5.51 -7.70 1.52
C PRO B 122 -5.61 -6.18 1.52
N PRO B 123 -4.91 -5.49 2.42
CA PRO B 123 -5.04 -4.02 2.50
C PRO B 123 -4.87 -3.30 1.18
N ARG B 124 -3.95 -3.74 0.32
CA ARG B 124 -3.77 -3.00 -0.91
C ARG B 124 -4.86 -3.28 -1.94
N LEU B 125 -5.76 -4.24 -1.68
CA LEU B 125 -6.91 -4.48 -2.54
C LEU B 125 -8.18 -3.91 -1.95
N GLN B 126 -8.11 -3.22 -0.81
CA GLN B 126 -9.35 -2.73 -0.21
C GLN B 126 -10.04 -1.69 -1.08
N ALA B 127 -9.26 -0.79 -1.70
CA ALA B 127 -9.91 0.26 -2.51
C ALA B 127 -10.63 -0.34 -3.71
N VAL B 128 -10.01 -1.31 -4.39
CA VAL B 128 -10.68 -1.93 -5.53
C VAL B 128 -11.92 -2.68 -5.07
N THR B 129 -11.80 -3.41 -3.96
CA THR B 129 -12.98 -4.11 -3.42
C THR B 129 -14.07 -3.12 -3.02
N ASP B 130 -13.72 -1.99 -2.38
CA ASP B 130 -14.74 -0.99 -2.05
C ASP B 130 -15.47 -0.52 -3.30
N ASP B 131 -14.76 -0.35 -4.40
CA ASP B 131 -15.44 0.12 -5.61
C ASP B 131 -16.20 -1.01 -6.30
N HIS B 132 -15.73 -2.27 -6.17
CA HIS B 132 -16.56 -3.39 -6.60
C HIS B 132 -17.90 -3.40 -5.87
N ILE B 133 -17.87 -3.18 -4.55
CA ILE B 133 -19.11 -3.11 -3.77
C ILE B 133 -20.02 -1.99 -4.26
N ARG B 134 -19.43 -0.83 -4.59
CA ARG B 134 -20.21 0.29 -5.11
C ARG B 134 -20.78 -0.07 -6.46
N MET B 135 -19.98 -0.69 -7.32
CA MET B 135 -20.47 -1.10 -8.63
C MET B 135 -21.59 -2.12 -8.48
N HIS B 136 -21.40 -3.08 -7.58
CA HIS B 136 -22.41 -4.10 -7.38
C HIS B 136 -23.73 -3.47 -6.95
N LYS B 137 -23.67 -2.48 -6.05
CA LYS B 137 -24.91 -1.85 -5.61
C LYS B 137 -25.56 -1.06 -6.74
N VAL B 138 -24.76 -0.37 -7.55
CA VAL B 138 -25.34 0.31 -8.70
C VAL B 138 -26.13 -0.64 -9.58
N LEU B 139 -25.57 -1.83 -9.82
CA LEU B 139 -26.21 -2.75 -10.74
C LEU B 139 -27.40 -3.42 -10.08
N ARG B 140 -27.29 -3.81 -8.80
CA ARG B 140 -28.42 -4.44 -8.13
C ARG B 140 -29.60 -3.49 -8.03
N GLU B 141 -29.34 -2.19 -7.78
CA GLU B 141 -30.43 -1.24 -7.61
C GLU B 141 -31.00 -0.74 -8.93
N SER B 142 -30.41 -1.13 -10.05
CA SER B 142 -30.84 -0.61 -11.36
C SER B 142 -32.18 -1.20 -11.84
N GLY B 143 -32.60 -2.35 -11.31
CA GLY B 143 -33.78 -2.99 -11.84
C GLY B 143 -33.55 -3.78 -13.10
N LEU B 144 -32.34 -3.72 -13.67
CA LEU B 144 -32.01 -4.51 -14.85
C LEU B 144 -31.80 -5.96 -14.44
N LYS B 145 -31.95 -6.87 -15.40
CA LYS B 145 -31.62 -8.25 -15.11
C LYS B 145 -30.11 -8.33 -14.97
N TYR B 146 -29.63 -8.59 -13.77
CA TYR B 146 -28.20 -8.48 -13.47
C TYR B 146 -27.69 -9.81 -12.92
N VAL B 147 -26.67 -10.38 -13.57
CA VAL B 147 -25.96 -11.53 -13.00
C VAL B 147 -24.65 -11.01 -12.42
N ALA B 148 -24.48 -11.18 -11.12
CA ALA B 148 -23.24 -10.76 -10.46
C ALA B 148 -22.28 -11.95 -10.46
N VAL B 149 -21.13 -11.82 -11.14
CA VAL B 149 -20.11 -12.87 -11.19
C VAL B 149 -18.96 -12.48 -10.26
N MET B 150 -18.68 -13.32 -9.26
CA MET B 150 -17.76 -13.00 -8.18
C MET B 150 -16.67 -14.06 -8.13
N PRO B 151 -15.66 -13.97 -9.01
CA PRO B 151 -14.65 -15.02 -9.12
C PRO B 151 -13.58 -14.90 -8.06
N PRO B 152 -12.95 -16.00 -7.70
CA PRO B 152 -11.74 -15.92 -6.90
C PRO B 152 -10.56 -15.63 -7.79
N HIS B 153 -9.42 -16.22 -7.47
CA HIS B 153 -8.24 -16.00 -8.29
C HIS B 153 -8.48 -16.31 -9.76
N ILE B 154 -8.07 -15.39 -10.64
CA ILE B 154 -8.20 -15.61 -12.07
C ILE B 154 -6.87 -16.17 -12.57
N GLY B 155 -6.91 -17.41 -13.08
CA GLY B 155 -5.70 -18.10 -13.51
C GLY B 155 -5.53 -18.10 -15.03
N ASP B 156 -4.51 -18.84 -15.48
CA ASP B 156 -4.16 -19.00 -16.89
C ASP B 156 -4.45 -20.37 -17.48
N GLN B 157 -5.09 -21.25 -16.74
CA GLN B 157 -5.27 -22.62 -17.22
C GLN B 157 -6.10 -22.65 -18.51
N PRO B 158 -5.93 -23.68 -19.34
CA PRO B 158 -6.72 -23.76 -20.57
C PRO B 158 -8.21 -23.92 -20.29
N LEU B 159 -9.02 -23.37 -21.18
CA LEU B 159 -10.45 -23.58 -21.17
C LEU B 159 -10.82 -25.04 -20.91
N THR B 160 -11.77 -25.25 -20.01
CA THR B 160 -12.35 -26.57 -19.79
C THR B 160 -13.84 -26.62 -20.02
N GLY B 161 -14.57 -25.54 -19.74
CA GLY B 161 -16.02 -25.59 -19.77
C GLY B 161 -16.63 -26.52 -18.74
N ALA B 162 -15.86 -26.93 -17.73
CA ALA B 162 -16.28 -27.98 -16.81
C ALA B 162 -16.28 -27.50 -15.36
N TYR B 163 -16.20 -26.19 -15.16
CA TYR B 163 -16.13 -25.56 -13.84
C TYR B 163 -17.46 -25.70 -13.11
N THR B 164 -17.42 -25.39 -11.82
CA THR B 164 -18.61 -25.41 -10.99
C THR B 164 -19.01 -23.98 -10.68
N VAL B 165 -20.33 -23.73 -10.64
CA VAL B 165 -20.91 -22.45 -10.26
C VAL B 165 -21.71 -22.66 -9.00
N THR B 166 -21.40 -21.90 -7.94
CA THR B 166 -22.22 -21.98 -6.76
C THR B 166 -22.92 -20.64 -6.59
N LEU B 167 -24.26 -20.70 -6.54
CA LEU B 167 -25.10 -19.52 -6.37
C LEU B 167 -24.80 -18.79 -5.09
N ASP B 168 -23.97 -19.36 -4.21
CA ASP B 168 -23.58 -18.62 -3.01
C ASP B 168 -22.31 -19.09 -2.24
N GLY B 169 -21.09 -18.87 -2.79
CA GLY B 169 -19.91 -18.79 -1.93
C GLY B 169 -18.71 -19.74 -1.92
N ARG B 170 -18.92 -21.05 -2.01
CA ARG B 170 -17.85 -22.02 -1.80
C ARG B 170 -17.66 -22.86 -3.06
N GLY B 171 -16.55 -23.58 -3.15
CA GLY B 171 -16.36 -24.50 -4.25
C GLY B 171 -15.08 -25.31 -4.20
N PRO B 172 -14.81 -26.11 -5.24
CA PRO B 172 -13.67 -27.05 -5.17
C PRO B 172 -12.34 -26.33 -5.15
N SER B 173 -12.38 -25.00 -5.13
CA SER B 173 -11.25 -24.27 -5.63
C SER B 173 -11.44 -22.80 -5.28
N ARG B 174 -10.32 -22.13 -5.05
CA ARG B 174 -10.22 -20.68 -5.07
C ARG B 174 -9.58 -20.18 -6.35
N VAL B 175 -9.77 -20.89 -7.46
CA VAL B 175 -9.23 -20.44 -8.76
C VAL B 175 -10.27 -20.69 -9.86
N ILE B 176 -10.34 -19.76 -10.83
CA ILE B 176 -11.06 -19.97 -12.09
C ILE B 176 -10.12 -19.51 -13.20
N SER B 177 -9.96 -20.34 -14.22
CA SER B 177 -9.20 -19.89 -15.38
C SER B 177 -9.88 -18.68 -16.05
N LYS B 178 -9.07 -17.72 -16.53
CA LYS B 178 -9.64 -16.60 -17.24
C LYS B 178 -10.49 -17.10 -18.40
N HIS B 179 -10.08 -18.19 -19.05
CA HIS B 179 -10.86 -18.73 -20.17
C HIS B 179 -12.21 -19.28 -19.70
N ASP B 180 -12.22 -20.00 -18.58
CA ASP B 180 -13.48 -20.52 -18.03
C ASP B 180 -14.38 -19.40 -17.52
N LEU B 181 -13.79 -18.37 -16.91
CA LEU B 181 -14.56 -17.22 -16.49
C LEU B 181 -15.25 -16.57 -17.68
N GLY B 182 -14.52 -16.39 -18.79
CA GLY B 182 -15.16 -15.78 -19.96
C GLY B 182 -16.24 -16.68 -20.54
N HIS B 183 -15.97 -17.98 -20.56
CA HIS B 183 -16.97 -18.96 -20.95
C HIS B 183 -18.23 -18.80 -20.11
N PHE B 184 -18.06 -18.65 -18.80
CA PHE B 184 -19.22 -18.50 -17.93
C PHE B 184 -19.96 -17.18 -18.21
N MET B 185 -19.24 -16.07 -18.43
CA MET B 185 -19.94 -14.81 -18.73
C MET B 185 -20.84 -14.97 -19.94
N LEU B 186 -20.34 -15.70 -20.96
CA LEU B 186 -21.16 -15.91 -22.15
C LEU B 186 -22.30 -16.88 -21.88
N ARG B 187 -22.07 -17.93 -21.09
CA ARG B 187 -23.18 -18.82 -20.75
C ARG B 187 -24.33 -18.04 -20.12
N CYS B 188 -24.03 -17.04 -19.29
CA CYS B 188 -25.06 -16.25 -18.63
C CYS B 188 -25.92 -15.48 -19.63
N LEU B 189 -25.47 -15.34 -20.87
CA LEU B 189 -26.32 -14.72 -21.91
C LEU B 189 -27.42 -15.64 -22.43
N THR B 190 -27.30 -16.95 -22.21
CA THR B 190 -28.24 -17.92 -22.80
C THR B 190 -29.21 -18.47 -21.78
N THR B 191 -29.26 -17.91 -20.57
CA THR B 191 -30.19 -18.38 -19.55
C THR B 191 -30.56 -17.22 -18.64
N ASP B 192 -31.67 -17.38 -17.92
CA ASP B 192 -32.06 -16.42 -16.91
C ASP B 192 -31.90 -16.95 -15.50
N GLU B 193 -31.36 -18.16 -15.33
CA GLU B 193 -31.35 -18.79 -14.01
C GLU B 193 -30.46 -18.07 -13.01
N TYR B 194 -29.48 -17.29 -13.46
CA TYR B 194 -28.61 -16.56 -12.54
C TYR B 194 -29.05 -15.12 -12.32
N ASP B 195 -30.10 -14.67 -13.01
CA ASP B 195 -30.54 -13.28 -12.88
C ASP B 195 -30.92 -12.99 -11.45
N GLY B 196 -30.38 -11.88 -10.93
CA GLY B 196 -30.62 -11.49 -9.55
C GLY B 196 -29.85 -12.30 -8.55
N HIS B 197 -28.91 -13.11 -8.99
CA HIS B 197 -28.09 -13.92 -8.09
C HIS B 197 -26.64 -13.49 -8.17
N SER B 198 -25.89 -13.87 -7.14
CA SER B 198 -24.44 -13.80 -7.20
C SER B 198 -23.92 -15.17 -7.56
N THR B 199 -22.85 -15.22 -8.34
CA THR B 199 -22.34 -16.51 -8.78
C THR B 199 -20.85 -16.63 -8.46
N TYR B 200 -20.42 -17.84 -8.08
CA TYR B 200 -19.01 -18.07 -7.75
C TYR B 200 -18.52 -19.20 -8.64
N PRO B 201 -17.83 -18.91 -9.74
CA PRO B 201 -17.27 -20.01 -10.56
C PRO B 201 -15.89 -20.43 -10.07
N SER B 202 -15.65 -21.76 -10.01
CA SER B 202 -14.34 -22.24 -9.61
C SER B 202 -14.17 -23.65 -10.13
N HIS B 203 -12.92 -24.13 -10.11
CA HIS B 203 -12.59 -25.42 -10.68
C HIS B 203 -11.21 -25.85 -10.20
N GLN B 204 -10.97 -27.16 -10.12
CA GLN B 204 -9.63 -27.70 -9.91
C GLN B 204 -9.05 -28.15 -11.25
N TYR B 205 -7.92 -27.55 -11.63
CA TYR B 205 -7.23 -27.80 -12.89
C TYR B 205 -6.05 -28.74 -12.70
N GLN B 206 -5.64 -29.37 -13.80
CA GLN B 206 -4.44 -30.21 -13.88
C GLN B 206 -4.54 -31.47 -13.01
N MET C 1 8.14 33.52 -18.94
CA MET C 1 7.62 33.32 -17.57
C MET C 1 8.68 32.70 -16.66
N ALA C 2 8.90 33.28 -15.49
CA ALA C 2 9.81 32.69 -14.51
C ALA C 2 9.32 31.30 -14.05
N VAL C 3 8.08 31.21 -13.58
CA VAL C 3 7.46 29.91 -13.33
C VAL C 3 6.75 29.54 -14.61
N LYS C 4 7.24 28.51 -15.31
CA LYS C 4 6.49 28.15 -16.51
C LYS C 4 6.16 26.67 -16.56
N LYS C 5 7.05 25.79 -16.08
CA LYS C 5 6.73 24.35 -15.99
C LYS C 5 6.20 24.02 -14.62
N ILE C 6 4.98 23.46 -14.57
CA ILE C 6 4.41 23.06 -13.29
C ILE C 6 3.93 21.61 -13.38
N ALA C 7 3.99 20.93 -12.26
CA ALA C 7 3.33 19.63 -12.12
C ALA C 7 2.06 19.85 -11.34
N ILE C 8 0.97 19.22 -11.79
CA ILE C 8 -0.28 19.21 -11.04
C ILE C 8 -0.58 17.76 -10.67
N PHE C 9 -0.73 17.51 -9.37
CA PHE C 9 -1.20 16.23 -8.85
C PHE C 9 -2.67 16.39 -8.56
N GLY C 10 -3.47 15.41 -8.96
CA GLY C 10 -4.92 15.53 -8.80
C GLY C 10 -5.59 16.28 -9.93
N ALA C 11 -4.98 16.31 -11.12
CA ALA C 11 -5.52 17.12 -12.21
C ALA C 11 -6.86 16.60 -12.73
N THR C 12 -7.14 15.31 -12.55
CA THR C 12 -8.44 14.82 -13.02
C THR C 12 -9.59 15.05 -12.04
N GLY C 13 -9.34 15.62 -10.86
CA GLY C 13 -10.36 15.77 -9.84
C GLY C 13 -11.19 17.03 -10.03
N GLN C 14 -12.09 17.28 -9.10
CA GLN C 14 -13.03 18.43 -9.20
C GLN C 14 -12.28 19.73 -9.40
N THR C 15 -11.35 20.02 -8.50
CA THR C 15 -10.63 21.29 -8.62
C THR C 15 -9.52 21.15 -9.64
N GLY C 16 -8.89 19.97 -9.71
CA GLY C 16 -7.80 19.77 -10.68
C GLY C 16 -8.19 20.09 -12.11
N LEU C 17 -9.40 19.67 -12.55
CA LEU C 17 -9.72 19.85 -13.97
C LEU C 17 -9.77 21.34 -14.33
N THR C 18 -10.37 22.15 -13.46
CA THR C 18 -10.45 23.57 -13.79
C THR C 18 -9.14 24.28 -13.53
N THR C 19 -8.34 23.80 -12.56
CA THR C 19 -6.98 24.33 -12.40
C THR C 19 -6.15 24.05 -13.66
N LEU C 20 -6.22 22.84 -14.20
CA LEU C 20 -5.51 22.52 -15.42
C LEU C 20 -5.95 23.39 -16.57
N ALA C 21 -7.26 23.58 -16.73
CA ALA C 21 -7.77 24.38 -17.84
C ALA C 21 -7.27 25.81 -17.74
N GLN C 22 -7.36 26.39 -16.54
CA GLN C 22 -6.87 27.74 -16.32
C GLN C 22 -5.36 27.84 -16.55
N ALA C 23 -4.62 26.81 -16.12
CA ALA C 23 -3.18 26.90 -16.26
C ALA C 23 -2.75 26.84 -17.71
N VAL C 24 -3.38 25.95 -18.49
CA VAL C 24 -3.08 25.91 -19.91
C VAL C 24 -3.44 27.24 -20.57
N GLN C 25 -4.59 27.79 -20.24
CA GLN C 25 -4.98 29.06 -20.85
C GLN C 25 -4.00 30.17 -20.51
N ALA C 26 -3.42 30.14 -19.30
CA ALA C 26 -2.45 31.14 -18.86
C ALA C 26 -1.06 30.91 -19.41
N GLY C 27 -0.84 29.85 -20.20
CA GLY C 27 0.47 29.67 -20.79
C GLY C 27 1.42 28.76 -20.05
N TYR C 28 0.98 28.08 -18.99
CA TYR C 28 1.89 27.16 -18.31
C TYR C 28 2.08 25.91 -19.16
N GLU C 29 3.26 25.30 -18.99
CA GLU C 29 3.63 24.00 -19.56
C GLU C 29 3.37 23.00 -18.46
N VAL C 30 2.26 22.26 -18.54
CA VAL C 30 1.74 21.52 -17.40
C VAL C 30 2.02 20.05 -17.59
N THR C 31 2.59 19.43 -16.56
CA THR C 31 2.76 18.00 -16.47
C THR C 31 1.75 17.49 -15.46
N VAL C 32 1.04 16.42 -15.80
CA VAL C 32 0.12 15.84 -14.84
C VAL C 32 0.56 14.41 -14.55
N LEU C 33 0.22 13.94 -13.34
CA LEU C 33 0.30 12.52 -12.99
C LEU C 33 -1.13 11.99 -12.92
N VAL C 34 -1.47 11.02 -13.76
CA VAL C 34 -2.82 10.44 -13.79
C VAL C 34 -2.69 8.94 -13.58
N ARG C 35 -3.64 8.39 -12.83
CA ARG C 35 -3.70 6.95 -12.67
C ARG C 35 -4.17 6.31 -13.97
N ASP C 36 -3.72 5.10 -14.24
CA ASP C 36 -3.87 4.51 -15.57
C ASP C 36 -5.34 4.42 -15.97
N SER C 37 -6.22 4.12 -15.01
CA SER C 37 -7.62 3.93 -15.34
C SER C 37 -8.39 5.24 -15.44
N SER C 38 -7.77 6.35 -15.07
CA SER C 38 -8.44 7.66 -15.00
C SER C 38 -7.58 8.72 -15.67
N ARG C 39 -7.67 8.77 -17.00
CA ARG C 39 -7.09 9.83 -17.81
C ARG C 39 -7.99 11.08 -17.90
N LEU C 40 -7.37 12.16 -18.37
CA LEU C 40 -8.10 13.39 -18.62
C LEU C 40 -9.11 13.22 -19.74
N PRO C 41 -10.23 13.95 -19.68
CA PRO C 41 -11.26 13.83 -20.73
C PRO C 41 -10.72 14.21 -22.09
N SER C 42 -11.17 13.43 -23.07
CA SER C 42 -10.74 13.59 -24.45
C SER C 42 -11.02 14.99 -24.98
N GLU C 43 -12.18 15.55 -24.61
CA GLU C 43 -12.62 16.81 -25.17
C GLU C 43 -11.88 18.00 -24.58
N GLY C 44 -11.26 17.85 -23.39
CA GLY C 44 -10.82 18.96 -22.59
C GLY C 44 -9.44 19.47 -22.92
N PRO C 45 -8.98 20.48 -22.17
CA PRO C 45 -7.63 21.04 -22.39
C PRO C 45 -6.56 19.96 -22.28
N ARG C 46 -5.55 20.06 -23.14
CA ARG C 46 -4.49 19.09 -23.17
C ARG C 46 -3.31 19.60 -22.38
N PRO C 47 -2.81 18.86 -21.39
CA PRO C 47 -1.54 19.25 -20.76
C PRO C 47 -0.38 19.04 -21.72
N ALA C 48 0.75 19.64 -21.36
CA ALA C 48 1.94 19.46 -22.17
C ALA C 48 2.53 18.07 -22.00
N HIS C 49 2.37 17.44 -20.84
CA HIS C 49 3.04 16.18 -20.57
C HIS C 49 2.15 15.36 -19.65
N VAL C 50 2.08 14.04 -19.89
CA VAL C 50 1.28 13.15 -19.06
C VAL C 50 2.18 12.03 -18.56
N VAL C 51 2.22 11.86 -17.23
CA VAL C 51 2.83 10.69 -16.60
C VAL C 51 1.69 9.82 -16.13
N VAL C 52 1.70 8.54 -16.50
CA VAL C 52 0.69 7.60 -16.04
C VAL C 52 1.32 6.83 -14.90
N GLY C 53 0.65 6.82 -13.74
CA GLY C 53 1.21 6.13 -12.59
C GLY C 53 0.43 6.49 -11.32
N ASP C 54 1.11 6.44 -10.20
CA ASP C 54 0.41 6.56 -8.94
C ASP C 54 1.25 7.39 -7.98
N VAL C 55 0.61 8.30 -7.24
CA VAL C 55 1.37 9.13 -6.29
C VAL C 55 1.97 8.29 -5.17
N LEU C 56 1.51 7.04 -4.98
CA LEU C 56 2.12 6.15 -3.98
C LEU C 56 3.35 5.42 -4.49
N GLN C 57 3.76 5.64 -5.72
CA GLN C 57 5.00 5.10 -6.26
C GLN C 57 5.99 6.25 -6.38
N ALA C 58 7.04 6.20 -5.57
CA ALA C 58 8.03 7.26 -5.60
C ALA C 58 8.58 7.47 -7.00
N ALA C 59 8.81 6.39 -7.73
CA ALA C 59 9.33 6.54 -9.08
C ALA C 59 8.42 7.36 -9.98
N ASP C 60 7.09 7.17 -9.86
CA ASP C 60 6.18 7.92 -10.70
C ASP C 60 6.16 9.38 -10.30
N VAL C 61 6.29 9.64 -8.99
CA VAL C 61 6.26 11.05 -8.53
C VAL C 61 7.55 11.73 -8.96
N ASP C 62 8.67 11.00 -8.83
CA ASP C 62 9.94 11.54 -9.32
CA ASP C 62 9.96 11.49 -9.34
C ASP C 62 9.85 11.91 -10.80
N LYS C 63 9.25 11.05 -11.63
CA LYS C 63 9.15 11.40 -13.05
C LYS C 63 8.28 12.63 -13.31
N THR C 64 7.30 12.87 -12.45
CA THR C 64 6.39 14.00 -12.60
C THR C 64 7.03 15.28 -12.13
N VAL C 65 7.85 15.21 -11.08
CA VAL C 65 8.42 16.43 -10.50
C VAL C 65 9.69 16.86 -11.22
N ALA C 66 10.38 15.93 -11.89
CA ALA C 66 11.63 16.25 -12.53
C ALA C 66 11.45 17.40 -13.52
N GLY C 67 12.34 18.36 -13.47
CA GLY C 67 12.34 19.41 -14.47
C GLY C 67 11.32 20.51 -14.27
N GLN C 68 10.52 20.48 -13.21
CA GLN C 68 9.47 21.48 -12.99
C GLN C 68 9.99 22.71 -12.25
N ASP C 69 9.22 23.83 -12.37
CA ASP C 69 9.50 25.01 -11.58
C ASP C 69 8.71 25.06 -10.26
N ALA C 70 7.57 24.36 -10.19
CA ALA C 70 6.71 24.43 -9.00
C ALA C 70 5.74 23.26 -9.09
N VAL C 71 5.09 22.97 -7.97
CA VAL C 71 4.15 21.87 -7.85
C VAL C 71 2.84 22.36 -7.24
N ILE C 72 1.72 21.94 -7.82
CA ILE C 72 0.39 22.15 -7.26
C ILE C 72 -0.15 20.78 -6.84
N VAL C 73 -0.72 20.68 -5.64
CA VAL C 73 -1.22 19.39 -5.12
C VAL C 73 -2.71 19.53 -4.83
N LEU C 74 -3.52 18.74 -5.56
CA LEU C 74 -4.97 18.71 -5.41
C LEU C 74 -5.38 17.24 -5.33
N LEU C 75 -4.62 16.48 -4.54
CA LEU C 75 -4.97 15.08 -4.31
C LEU C 75 -6.18 14.98 -3.38
N GLY C 76 -6.90 13.86 -3.50
CA GLY C 76 -8.07 13.67 -2.66
C GLY C 76 -8.61 12.29 -2.98
N THR C 77 -9.73 11.96 -2.37
CA THR C 77 -10.30 10.63 -2.56
C THR C 77 -11.75 10.71 -3.04
N ARG C 78 -12.10 11.76 -3.80
CA ARG C 78 -13.43 11.93 -4.40
C ARG C 78 -14.47 11.82 -3.29
N ASN C 79 -15.53 11.04 -3.45
CA ASN C 79 -16.55 10.98 -2.42
C ASN C 79 -16.35 9.80 -1.47
N ASP C 80 -15.16 9.18 -1.49
CA ASP C 80 -14.85 8.06 -0.60
C ASP C 80 -14.28 8.62 0.69
N LEU C 81 -14.98 8.41 1.80
CA LEU C 81 -14.62 9.03 3.08
C LEU C 81 -13.87 8.05 3.96
N SER C 82 -13.43 6.94 3.41
CA SER C 82 -12.86 5.93 4.29
C SER C 82 -11.44 6.34 4.72
N PRO C 83 -10.94 5.72 5.81
CA PRO C 83 -9.55 5.96 6.22
C PRO C 83 -8.53 5.79 5.09
N THR C 84 -7.54 6.69 5.04
CA THR C 84 -6.64 6.76 3.90
C THR C 84 -5.36 7.48 4.33
N THR C 85 -4.27 7.10 3.64
CA THR C 85 -3.02 7.85 3.75
C THR C 85 -2.55 8.29 2.36
N VAL C 86 -3.43 8.31 1.35
CA VAL C 86 -2.90 8.59 0.03
C VAL C 86 -2.39 10.03 -0.06
N MET C 87 -3.01 10.96 0.66
CA MET C 87 -2.56 12.36 0.60
C MET C 87 -1.25 12.57 1.36
N SER C 88 -1.14 12.02 2.56
CA SER C 88 0.07 12.26 3.33
C SER C 88 1.23 11.44 2.77
N GLU C 89 0.96 10.20 2.34
CA GLU C 89 2.05 9.43 1.72
C GLU C 89 2.43 10.03 0.35
N GLY C 90 1.43 10.45 -0.43
CA GLY C 90 1.74 11.15 -1.67
C GLY C 90 2.59 12.40 -1.41
N ALA C 91 2.24 13.15 -0.37
CA ALA C 91 3.06 14.32 -0.02
C ALA C 91 4.50 13.92 0.34
N ARG C 92 4.68 12.84 1.11
CA ARG C 92 6.04 12.44 1.43
C ARG C 92 6.84 12.23 0.14
N ASN C 93 6.23 11.56 -0.83
CA ASN C 93 6.95 11.28 -2.06
C ASN C 93 7.23 12.57 -2.81
N ILE C 94 6.24 13.47 -2.82
CA ILE C 94 6.41 14.72 -3.54
C ILE C 94 7.52 15.54 -2.91
N VAL C 95 7.58 15.59 -1.57
CA VAL C 95 8.66 16.31 -0.88
C VAL C 95 10.01 15.71 -1.27
N ALA C 96 10.11 14.38 -1.21
CA ALA C 96 11.42 13.79 -1.53
C ALA C 96 11.83 14.10 -2.95
N ALA C 97 10.88 14.03 -3.90
CA ALA C 97 11.22 14.33 -5.29
C ALA C 97 11.61 15.80 -5.45
N MET C 98 10.91 16.70 -4.76
CA MET C 98 11.23 18.13 -4.91
C MET C 98 12.65 18.42 -4.43
N LYS C 99 13.02 17.83 -3.30
CA LYS C 99 14.38 18.02 -2.79
C LYS C 99 15.41 17.44 -3.74
N ALA C 100 15.12 16.27 -4.31
CA ALA C 100 16.08 15.64 -5.22
C ALA C 100 16.22 16.42 -6.52
N HIS C 101 15.17 17.12 -6.94
CA HIS C 101 15.17 17.75 -8.25
C HIS C 101 15.28 19.26 -8.16
N GLY C 102 15.55 19.81 -6.97
CA GLY C 102 15.75 21.24 -6.85
C GLY C 102 14.50 22.09 -7.04
N VAL C 103 13.33 21.54 -6.76
CA VAL C 103 12.09 22.30 -6.79
C VAL C 103 11.75 22.75 -5.38
N ASP C 104 11.38 24.04 -5.21
CA ASP C 104 11.13 24.58 -3.89
CA ASP C 104 11.13 24.59 -3.89
C ASP C 104 9.66 24.86 -3.62
N LYS C 105 8.93 25.32 -4.62
CA LYS C 105 7.58 25.85 -4.43
C LYS C 105 6.54 24.75 -4.50
N VAL C 106 5.76 24.57 -3.43
CA VAL C 106 4.65 23.62 -3.48
C VAL C 106 3.43 24.30 -2.89
N VAL C 107 2.34 24.28 -3.65
CA VAL C 107 1.07 24.87 -3.25
C VAL C 107 0.11 23.71 -3.09
N ALA C 108 -0.32 23.39 -1.88
CA ALA C 108 -1.01 22.13 -1.65
C ALA C 108 -2.27 22.33 -0.84
N CYS C 109 -3.34 21.64 -1.28
CA CYS C 109 -4.68 21.80 -0.72
C CYS C 109 -4.91 20.75 0.36
N THR C 110 -5.21 21.20 1.59
CA THR C 110 -5.76 20.28 2.61
C THR C 110 -7.19 20.70 2.85
N SER C 111 -7.51 21.39 3.96
CA SER C 111 -8.89 21.72 4.29
C SER C 111 -8.93 22.77 5.40
N ALA C 112 -9.95 23.62 5.34
CA ALA C 112 -10.21 24.56 6.43
C ALA C 112 -10.46 23.86 7.75
N PHE C 113 -10.77 22.56 7.76
CA PHE C 113 -10.98 21.90 9.06
C PHE C 113 -9.70 21.93 9.87
N LEU C 114 -8.55 22.10 9.22
CA LEU C 114 -7.30 22.22 10.00
C LEU C 114 -7.26 23.53 10.75
N LEU C 115 -8.21 24.45 10.48
CA LEU C 115 -8.34 25.68 11.25
C LEU C 115 -9.56 25.70 12.16
N TRP C 116 -10.33 24.63 12.20
CA TRP C 116 -11.51 24.54 13.04
C TRP C 116 -11.16 24.08 14.44
N ASP C 117 -12.10 24.33 15.35
CA ASP C 117 -12.19 23.61 16.61
C ASP C 117 -12.36 22.14 16.28
N PRO C 118 -11.42 21.27 16.64
CA PRO C 118 -11.52 19.86 16.23
C PRO C 118 -12.82 19.19 16.69
N THR C 119 -13.41 19.62 17.79
CA THR C 119 -14.63 18.97 18.24
C THR C 119 -15.81 19.26 17.32
N LYS C 120 -15.66 20.20 16.39
CA LYS C 120 -16.75 20.52 15.48
C LYS C 120 -16.57 19.91 14.11
N VAL C 121 -15.44 19.25 13.82
CA VAL C 121 -15.30 18.56 12.53
C VAL C 121 -16.34 17.45 12.44
N PRO C 122 -17.15 17.40 11.39
CA PRO C 122 -18.15 16.32 11.24
C PRO C 122 -17.49 14.95 11.30
N PRO C 123 -18.01 14.03 12.10
CA PRO C 123 -17.37 12.71 12.19
C PRO C 123 -17.26 12.01 10.86
N ARG C 124 -18.21 12.21 9.92
CA ARG C 124 -18.10 11.51 8.64
C ARG C 124 -16.87 11.93 7.86
N LEU C 125 -16.34 13.13 8.11
CA LEU C 125 -15.17 13.65 7.42
C LEU C 125 -13.89 13.53 8.26
N GLN C 126 -13.97 12.87 9.42
CA GLN C 126 -12.79 12.84 10.31
C GLN C 126 -11.66 12.00 9.74
N ALA C 127 -11.99 10.92 9.03
CA ALA C 127 -10.89 10.07 8.53
C ALA C 127 -10.09 10.79 7.44
N VAL C 128 -10.77 11.51 6.55
CA VAL C 128 -10.08 12.30 5.54
C VAL C 128 -9.34 13.45 6.19
N THR C 129 -9.98 14.11 7.17
CA THR C 129 -9.30 15.23 7.84
C THR C 129 -8.02 14.75 8.56
N ASP C 130 -8.07 13.55 9.13
CA ASP C 130 -6.87 12.98 9.76
C ASP C 130 -5.73 12.90 8.76
N ASP C 131 -6.02 12.51 7.51
CA ASP C 131 -4.90 12.46 6.57
C ASP C 131 -4.51 13.85 6.05
N HIS C 132 -5.45 14.81 6.00
CA HIS C 132 -5.02 16.17 5.72
C HIS C 132 -4.07 16.67 6.80
N ILE C 133 -4.36 16.37 8.06
CA ILE C 133 -3.47 16.74 9.17
C ILE C 133 -2.10 16.11 8.96
N ARG C 134 -2.06 14.81 8.65
CA ARG C 134 -0.78 14.18 8.41
C ARG C 134 -0.05 14.85 7.24
N MET C 135 -0.78 15.15 6.16
CA MET C 135 -0.18 15.76 4.98
C MET C 135 0.39 17.13 5.28
N HIS C 136 -0.36 17.94 6.01
CA HIS C 136 0.13 19.27 6.31
C HIS C 136 1.39 19.22 7.14
N LYS C 137 1.50 18.27 8.07
CA LYS C 137 2.72 18.17 8.88
C LYS C 137 3.91 17.79 8.00
N VAL C 138 3.72 16.83 7.08
CA VAL C 138 4.79 16.46 6.14
C VAL C 138 5.31 17.69 5.40
N LEU C 139 4.38 18.47 4.83
CA LEU C 139 4.77 19.63 4.03
C LEU C 139 5.39 20.73 4.90
N ARG C 140 4.80 20.99 6.08
CA ARG C 140 5.37 22.00 6.98
C ARG C 140 6.81 21.66 7.39
N GLU C 141 7.04 20.40 7.71
CA GLU C 141 8.36 19.99 8.22
C GLU C 141 9.40 19.88 7.12
N SER C 142 8.97 19.92 5.85
CA SER C 142 9.91 19.71 4.75
C SER C 142 10.89 20.86 4.61
N GLY C 143 10.52 22.07 5.03
CA GLY C 143 11.40 23.20 4.78
C GLY C 143 11.22 23.80 3.39
N LEU C 144 10.41 23.19 2.53
CA LEU C 144 10.12 23.77 1.23
C LEU C 144 9.28 25.05 1.36
N LYS C 145 9.18 25.79 0.24
CA LYS C 145 8.33 26.98 0.19
C LYS C 145 6.92 26.50 -0.01
N TYR C 146 6.22 26.25 1.08
CA TYR C 146 4.94 25.57 1.06
C TYR C 146 3.84 26.58 1.34
N VAL C 147 2.86 26.66 0.45
CA VAL C 147 1.62 27.42 0.69
C VAL C 147 0.56 26.42 1.08
N ALA C 148 0.06 26.49 2.32
CA ALA C 148 -0.95 25.57 2.83
C ALA C 148 -2.32 26.17 2.50
N VAL C 149 -2.97 25.64 1.47
CA VAL C 149 -4.28 26.09 1.04
C VAL C 149 -5.35 25.24 1.75
N MET C 150 -6.21 25.92 2.53
CA MET C 150 -7.14 25.27 3.47
C MET C 150 -8.54 25.80 3.18
N PRO C 151 -9.20 25.28 2.14
CA PRO C 151 -10.48 25.85 1.72
C PRO C 151 -11.64 25.32 2.53
N PRO C 152 -12.73 26.08 2.56
CA PRO C 152 -13.99 25.62 3.12
C PRO C 152 -14.69 24.80 2.04
N HIS C 153 -16.02 24.74 2.06
CA HIS C 153 -16.72 23.87 1.14
C HIS C 153 -16.44 24.30 -0.30
N ILE C 154 -16.16 23.32 -1.17
CA ILE C 154 -15.83 23.61 -2.55
C ILE C 154 -17.09 23.44 -3.38
N GLY C 155 -17.50 24.51 -4.07
CA GLY C 155 -18.71 24.52 -4.86
C GLY C 155 -18.48 24.63 -6.37
N ASP C 156 -19.61 24.74 -7.08
CA ASP C 156 -19.51 24.86 -8.53
CA ASP C 156 -19.68 24.82 -8.52
C ASP C 156 -19.98 26.23 -9.01
N GLN C 157 -19.85 27.25 -8.15
CA GLN C 157 -20.12 28.65 -8.55
C GLN C 157 -19.04 29.10 -9.54
N PRO C 158 -19.16 30.30 -10.11
CA PRO C 158 -18.24 30.71 -11.19
C PRO C 158 -16.83 31.00 -10.71
N LEU C 159 -15.97 31.15 -11.71
CA LEU C 159 -14.69 31.81 -11.55
C LEU C 159 -14.93 33.29 -11.44
N THR C 160 -14.43 33.89 -10.39
CA THR C 160 -14.53 35.34 -10.20
C THR C 160 -13.18 36.04 -10.08
N GLY C 161 -12.17 35.39 -9.51
CA GLY C 161 -10.94 36.09 -9.14
C GLY C 161 -11.14 37.12 -8.05
N ALA C 162 -12.30 37.13 -7.39
CA ALA C 162 -12.63 38.22 -6.48
C ALA C 162 -12.80 37.76 -5.04
N TYR C 163 -12.35 36.53 -4.76
CA TYR C 163 -12.50 35.93 -3.44
C TYR C 163 -11.56 36.58 -2.42
N THR C 164 -11.92 36.40 -1.15
CA THR C 164 -11.09 36.81 -0.03
C THR C 164 -10.04 35.72 0.23
N VAL C 165 -8.85 36.15 0.62
CA VAL C 165 -7.83 35.21 1.06
C VAL C 165 -7.51 35.58 2.51
N THR C 166 -7.87 34.70 3.45
CA THR C 166 -7.61 34.94 4.86
C THR C 166 -6.35 34.18 5.27
N LEU C 167 -5.43 34.89 5.92
CA LEU C 167 -4.15 34.29 6.31
C LEU C 167 -4.26 33.79 7.73
N ASP C 168 -3.82 32.54 7.94
CA ASP C 168 -3.62 31.98 9.27
C ASP C 168 -4.89 32.07 10.13
N GLY C 169 -6.03 31.82 9.52
CA GLY C 169 -7.26 31.69 10.29
C GLY C 169 -8.43 31.51 9.35
N ARG C 170 -9.63 31.34 9.93
CA ARG C 170 -10.83 31.10 9.12
C ARG C 170 -11.31 32.42 8.55
N GLY C 171 -11.80 32.37 7.32
CA GLY C 171 -12.32 33.53 6.60
C GLY C 171 -13.78 33.81 6.86
N PRO C 172 -14.31 34.85 6.20
CA PRO C 172 -15.65 35.35 6.53
C PRO C 172 -16.77 34.60 5.82
N SER C 173 -16.46 33.71 4.86
CA SER C 173 -17.47 32.91 4.16
C SER C 173 -17.08 31.44 4.27
N ARG C 174 -18.04 30.55 4.04
CA ARG C 174 -17.79 29.10 4.19
C ARG C 174 -17.80 28.35 2.87
N VAL C 175 -17.67 29.03 1.74
CA VAL C 175 -17.65 28.39 0.42
C VAL C 175 -16.57 29.03 -0.43
N ILE C 176 -16.01 28.25 -1.34
CA ILE C 176 -15.18 28.76 -2.43
C ILE C 176 -15.56 27.93 -3.66
N SER C 177 -15.68 28.56 -4.82
CA SER C 177 -15.95 27.71 -5.98
C SER C 177 -14.70 26.93 -6.40
N LYS C 178 -14.86 25.74 -6.98
CA LYS C 178 -13.70 25.00 -7.47
C LYS C 178 -12.89 25.85 -8.45
N HIS C 179 -13.57 26.70 -9.24
CA HIS C 179 -12.82 27.52 -10.20
C HIS C 179 -11.97 28.58 -9.49
N ASP C 180 -12.55 29.26 -8.49
CA ASP C 180 -11.76 30.23 -7.71
C ASP C 180 -10.66 29.56 -6.91
N LEU C 181 -10.91 28.36 -6.40
CA LEU C 181 -9.84 27.66 -5.69
C LEU C 181 -8.68 27.36 -6.63
N GLY C 182 -8.98 26.93 -7.85
CA GLY C 182 -7.90 26.70 -8.81
C GLY C 182 -7.18 27.98 -9.21
N HIS C 183 -7.94 29.05 -9.41
CA HIS C 183 -7.34 30.36 -9.69
C HIS C 183 -6.35 30.75 -8.57
N PHE C 184 -6.76 30.54 -7.31
CA PHE C 184 -5.88 30.87 -6.20
C PHE C 184 -4.64 29.97 -6.21
N MET C 185 -4.79 28.65 -6.42
CA MET C 185 -3.58 27.81 -6.46
C MET C 185 -2.57 28.37 -7.47
N LEU C 186 -3.07 28.82 -8.64
CA LEU C 186 -2.17 29.34 -9.63
C LEU C 186 -1.61 30.70 -9.20
N ARG C 187 -2.43 31.52 -8.55
CA ARG C 187 -1.93 32.81 -8.11
C ARG C 187 -0.73 32.65 -7.18
N CYS C 188 -0.75 31.61 -6.36
CA CYS C 188 0.34 31.40 -5.42
C CYS C 188 1.65 31.07 -6.10
N LEU C 189 1.62 30.72 -7.40
CA LEU C 189 2.87 30.49 -8.12
C LEU C 189 3.64 31.77 -8.38
N THR C 190 2.98 32.91 -8.37
CA THR C 190 3.60 34.14 -8.86
C THR C 190 3.95 35.08 -7.72
N THR C 191 3.80 34.63 -6.48
CA THR C 191 4.13 35.48 -5.34
C THR C 191 4.68 34.62 -4.21
N ASP C 192 5.53 35.23 -3.38
CA ASP C 192 6.04 34.57 -2.19
C ASP C 192 5.25 34.95 -0.94
N GLU C 193 4.21 35.78 -1.09
CA GLU C 193 3.61 36.37 0.09
C GLU C 193 2.85 35.38 0.94
N TYR C 194 2.48 34.21 0.42
CA TYR C 194 1.76 33.22 1.20
C TYR C 194 2.67 32.09 1.67
N ASP C 195 3.95 32.08 1.27
CA ASP C 195 4.82 30.98 1.66
C ASP C 195 4.89 30.90 3.19
N GLY C 196 4.77 29.69 3.72
CA GLY C 196 4.84 29.53 5.16
C GLY C 196 3.56 29.85 5.89
N HIS C 197 2.51 30.29 5.20
CA HIS C 197 1.24 30.62 5.81
C HIS C 197 0.19 29.59 5.48
N SER C 198 -0.86 29.54 6.32
CA SER C 198 -2.09 28.90 5.92
C SER C 198 -2.97 29.95 5.25
N THR C 199 -3.71 29.53 4.25
CA THR C 199 -4.52 30.45 3.43
C THR C 199 -5.91 29.85 3.26
N TYR C 200 -6.93 30.66 3.50
CA TYR C 200 -8.31 30.20 3.50
C TYR C 200 -8.99 31.09 2.47
N PRO C 201 -9.23 30.58 1.27
CA PRO C 201 -9.91 31.37 0.24
C PRO C 201 -11.40 31.15 0.40
N SER C 202 -12.17 32.24 0.32
CA SER C 202 -13.62 32.09 0.42
C SER C 202 -14.29 33.26 -0.27
N HIS C 203 -15.57 33.07 -0.58
CA HIS C 203 -16.25 34.11 -1.35
C HIS C 203 -17.75 34.00 -1.14
N GLN C 204 -18.44 35.08 -1.47
CA GLN C 204 -19.91 35.08 -1.52
C GLN C 204 -20.29 35.28 -2.98
N TYR C 205 -20.97 34.30 -3.58
CA TYR C 205 -21.31 34.33 -4.98
C TYR C 205 -22.68 34.99 -5.11
N GLN C 206 -22.71 36.08 -5.86
CA GLN C 206 -23.89 36.92 -5.97
C GLN C 206 -23.76 37.80 -7.22
N MET D 1 10.25 3.06 45.59
CA MET D 1 9.81 2.83 44.21
C MET D 1 10.33 3.93 43.28
N ALA D 2 11.37 4.65 43.71
CA ALA D 2 11.83 5.82 42.97
C ALA D 2 12.61 5.41 41.73
N VAL D 3 12.20 5.94 40.60
CA VAL D 3 12.86 5.66 39.34
C VAL D 3 13.93 6.73 39.11
N LYS D 4 15.21 6.32 39.03
CA LYS D 4 16.28 7.26 38.65
C LYS D 4 16.95 6.88 37.35
N LYS D 5 17.13 5.58 37.10
CA LYS D 5 17.78 5.08 35.90
C LYS D 5 16.74 4.51 34.92
N ILE D 6 16.76 5.00 33.68
CA ILE D 6 15.85 4.50 32.66
C ILE D 6 16.61 4.19 31.38
N ALA D 7 16.13 3.16 30.67
CA ALA D 7 16.49 2.94 29.29
C ALA D 7 15.37 3.51 28.42
N ILE D 8 15.75 4.15 27.32
CA ILE D 8 14.78 4.58 26.31
C ILE D 8 15.13 3.87 25.02
N PHE D 9 14.15 3.14 24.47
CA PHE D 9 14.22 2.58 23.13
C PHE D 9 13.47 3.51 22.18
N GLY D 10 14.05 3.77 21.01
CA GLY D 10 13.48 4.72 20.06
C GLY D 10 13.84 6.16 20.39
N ALA D 11 14.97 6.39 21.08
CA ALA D 11 15.28 7.78 21.48
C ALA D 11 15.63 8.68 20.31
N THR D 12 15.93 8.11 19.14
CA THR D 12 16.29 8.97 18.02
C THR D 12 15.10 9.35 17.15
N GLY D 13 13.89 8.94 17.53
CA GLY D 13 12.70 9.24 16.78
C GLY D 13 12.14 10.58 17.18
N GLN D 14 11.04 10.95 16.51
CA GLN D 14 10.44 12.27 16.77
C GLN D 14 10.03 12.42 18.24
N THR D 15 9.36 11.42 18.80
CA THR D 15 9.00 11.51 20.23
C THR D 15 10.19 11.17 21.13
N GLY D 16 11.01 10.21 20.72
CA GLY D 16 12.12 9.84 21.55
C GLY D 16 13.09 10.97 21.81
N LEU D 17 13.36 11.80 20.79
CA LEU D 17 14.36 12.85 20.99
C LEU D 17 13.91 13.82 22.07
N THR D 18 12.64 14.20 22.06
CA THR D 18 12.21 15.15 23.08
C THR D 18 11.98 14.47 24.42
N THR D 19 11.55 13.20 24.45
CA THR D 19 11.49 12.48 25.72
C THR D 19 12.89 12.37 26.32
N LEU D 20 13.89 12.07 25.49
CA LEU D 20 15.27 11.97 25.97
C LEU D 20 15.74 13.30 26.56
N ALA D 21 15.48 14.40 25.83
CA ALA D 21 15.95 15.73 26.26
C ALA D 21 15.26 16.09 27.58
N GLN D 22 13.96 15.83 27.66
CA GLN D 22 13.22 16.15 28.87
C GLN D 22 13.70 15.30 30.03
N ALA D 23 13.96 14.02 29.77
CA ALA D 23 14.42 13.13 30.82
C ALA D 23 15.75 13.58 31.39
N VAL D 24 16.70 13.93 30.52
CA VAL D 24 18.01 14.39 30.98
C VAL D 24 17.87 15.70 31.76
N GLN D 25 17.04 16.63 31.28
CA GLN D 25 16.88 17.89 32.01
C GLN D 25 16.27 17.68 33.39
N ALA D 26 15.37 16.71 33.53
CA ALA D 26 14.70 16.43 34.80
C ALA D 26 15.59 15.69 35.77
N GLY D 27 16.68 15.12 35.29
CA GLY D 27 17.63 14.45 36.16
C GLY D 27 17.70 12.95 36.03
N TYR D 28 16.92 12.33 35.14
CA TYR D 28 17.08 10.89 34.96
C TYR D 28 18.48 10.55 34.44
N GLU D 29 19.00 9.41 34.89
CA GLU D 29 20.21 8.84 34.32
C GLU D 29 19.76 7.92 33.18
N VAL D 30 19.99 8.34 31.94
CA VAL D 30 19.36 7.72 30.77
C VAL D 30 20.39 6.92 30.01
N THR D 31 20.00 5.69 29.69
CA THR D 31 20.71 4.83 28.74
C THR D 31 19.84 4.71 27.50
N VAL D 32 20.42 4.92 26.33
CA VAL D 32 19.69 4.71 25.07
C VAL D 32 20.35 3.59 24.28
N LEU D 33 19.51 2.88 23.52
CA LEU D 33 19.97 1.97 22.48
C LEU D 33 19.73 2.63 21.14
N VAL D 34 20.80 2.86 20.37
CA VAL D 34 20.67 3.49 19.08
C VAL D 34 21.48 2.72 18.05
N ARG D 35 20.95 2.68 16.81
CA ARG D 35 21.69 2.03 15.74
C ARG D 35 22.82 2.91 15.22
N ASP D 36 22.73 4.25 15.37
CA ASP D 36 23.69 5.18 14.77
C ASP D 36 23.78 6.37 15.72
N SER D 37 24.89 6.50 16.45
CA SER D 37 24.97 7.57 17.45
C SER D 37 24.96 8.96 16.83
N SER D 38 25.22 9.09 15.54
CA SER D 38 25.18 10.43 14.94
C SER D 38 23.76 10.97 14.85
N ARG D 39 22.74 10.15 15.10
CA ARG D 39 21.36 10.60 15.11
C ARG D 39 20.95 11.17 16.46
N LEU D 40 21.84 11.11 17.48
CA LEU D 40 21.66 11.84 18.73
C LEU D 40 22.24 13.25 18.58
N PRO D 41 21.65 14.23 19.25
CA PRO D 41 22.20 15.60 19.22
C PRO D 41 23.60 15.64 19.83
N SER D 42 24.45 16.48 19.25
CA SER D 42 25.81 16.61 19.73
C SER D 42 25.95 17.68 20.81
N GLU D 43 24.95 18.52 20.99
CA GLU D 43 24.93 19.60 21.97
C GLU D 43 23.67 19.44 22.79
N GLY D 44 23.57 20.26 23.86
CA GLY D 44 22.41 20.27 24.72
C GLY D 44 22.37 19.05 25.61
N PRO D 45 21.20 18.75 26.19
CA PRO D 45 21.09 17.55 27.05
C PRO D 45 21.42 16.26 26.31
N ARG D 46 22.35 15.48 26.89
CA ARG D 46 22.84 14.23 26.33
C ARG D 46 22.68 13.10 27.32
N PRO D 47 22.37 11.89 26.86
CA PRO D 47 22.17 10.79 27.81
C PRO D 47 23.45 10.38 28.51
N ALA D 48 23.27 9.72 29.66
CA ALA D 48 24.43 9.25 30.44
C ALA D 48 25.15 8.08 29.79
N HIS D 49 24.42 7.22 29.06
CA HIS D 49 24.98 5.99 28.51
C HIS D 49 24.39 5.75 27.14
N VAL D 50 25.26 5.50 26.16
CA VAL D 50 24.82 5.15 24.79
C VAL D 50 25.29 3.73 24.48
N VAL D 51 24.34 2.85 24.17
CA VAL D 51 24.62 1.53 23.61
C VAL D 51 24.33 1.62 22.12
N VAL D 52 25.28 1.19 21.28
CA VAL D 52 25.08 1.18 19.84
C VAL D 52 24.71 -0.24 19.47
N GLY D 53 23.54 -0.43 18.87
CA GLY D 53 23.08 -1.77 18.57
C GLY D 53 21.64 -1.72 18.09
N ASP D 54 20.97 -2.87 18.11
CA ASP D 54 19.70 -3.09 17.42
C ASP D 54 18.74 -3.74 18.40
N VAL D 55 17.50 -3.24 18.46
CA VAL D 55 16.52 -3.87 19.36
C VAL D 55 16.21 -5.31 18.94
N LEU D 56 16.55 -5.69 17.71
CA LEU D 56 16.34 -7.08 17.29
C LEU D 56 17.41 -8.01 17.80
N GLN D 57 18.45 -7.47 18.43
CA GLN D 57 19.57 -8.27 18.93
C GLN D 57 19.44 -8.38 20.44
N ALA D 58 19.10 -9.58 20.93
CA ALA D 58 18.82 -9.74 22.37
C ALA D 58 19.97 -9.24 23.22
N ALA D 59 21.21 -9.48 22.77
CA ALA D 59 22.36 -9.06 23.58
C ALA D 59 22.42 -7.55 23.71
N ASP D 60 22.11 -6.82 22.64
CA ASP D 60 22.11 -5.37 22.69
C ASP D 60 21.05 -4.85 23.66
N VAL D 61 19.86 -5.45 23.62
CA VAL D 61 18.76 -5.09 24.52
C VAL D 61 19.13 -5.42 25.96
N ASP D 62 19.73 -6.58 26.16
CA ASP D 62 20.12 -6.94 27.51
C ASP D 62 21.12 -5.93 28.10
N LYS D 63 22.09 -5.49 27.29
CA LYS D 63 23.08 -4.50 27.74
C LYS D 63 22.40 -3.18 28.12
N THR D 64 21.34 -2.83 27.38
CA THR D 64 20.63 -1.57 27.60
C THR D 64 19.76 -1.61 28.86
N VAL D 65 19.17 -2.77 29.13
CA VAL D 65 18.20 -2.90 30.23
C VAL D 65 18.88 -3.18 31.56
N ALA D 66 20.08 -3.76 31.54
CA ALA D 66 20.82 -4.06 32.77
C ALA D 66 20.88 -2.83 33.67
N GLY D 67 20.53 -3.01 34.94
CA GLY D 67 20.71 -1.97 35.94
C GLY D 67 19.69 -0.85 35.95
N GLN D 68 18.66 -0.90 35.10
CA GLN D 68 17.68 0.17 35.05
C GLN D 68 16.59 -0.02 36.10
N ASP D 69 15.91 1.10 36.42
CA ASP D 69 14.71 1.10 37.24
C ASP D 69 13.43 0.97 36.41
N ALA D 70 13.45 1.42 35.16
CA ALA D 70 12.27 1.35 34.29
C ALA D 70 12.69 1.51 32.85
N VAL D 71 11.75 1.20 31.95
CA VAL D 71 12.01 1.25 30.50
C VAL D 71 10.93 2.05 29.80
N ILE D 72 11.35 2.96 28.91
CA ILE D 72 10.43 3.66 28.01
C ILE D 72 10.63 3.10 26.60
N VAL D 73 9.52 2.76 25.93
CA VAL D 73 9.55 2.24 24.56
C VAL D 73 8.85 3.23 23.62
N LEU D 74 9.62 3.76 22.67
CA LEU D 74 9.16 4.68 21.64
C LEU D 74 9.66 4.21 20.30
N LEU D 75 9.73 2.89 20.14
CA LEU D 75 10.02 2.24 18.85
C LEU D 75 8.97 2.52 17.78
N GLY D 76 9.42 2.59 16.54
CA GLY D 76 8.49 2.69 15.44
C GLY D 76 9.17 2.22 14.18
N THR D 77 8.36 1.90 13.19
CA THR D 77 8.81 1.48 11.89
C THR D 77 7.87 2.17 10.90
N ARG D 78 7.97 3.51 10.80
CA ARG D 78 6.97 4.25 10.02
CA ARG D 78 6.96 4.25 10.03
C ARG D 78 6.99 3.86 8.54
N ASN D 79 8.16 3.61 7.98
CA ASN D 79 8.23 3.14 6.60
C ASN D 79 7.47 1.88 6.27
N ASP D 80 7.23 0.99 7.22
CA ASP D 80 6.71 -0.33 6.87
C ASP D 80 5.22 -0.27 6.55
N LEU D 81 4.87 -0.81 5.40
CA LEU D 81 3.54 -0.74 4.82
C LEU D 81 2.88 -2.10 4.78
N SER D 82 3.61 -3.12 5.14
CA SER D 82 3.22 -4.51 4.90
C SER D 82 3.76 -5.27 6.10
N PRO D 83 3.34 -6.52 6.33
CA PRO D 83 3.58 -7.17 7.63
C PRO D 83 5.02 -7.04 8.13
N THR D 84 5.13 -6.63 9.39
CA THR D 84 6.40 -6.26 10.00
C THR D 84 6.33 -6.68 11.47
N THR D 85 7.47 -7.16 12.02
CA THR D 85 7.46 -7.62 13.40
C THR D 85 8.58 -6.99 14.21
N VAL D 86 9.13 -5.86 13.75
CA VAL D 86 10.28 -5.26 14.46
C VAL D 86 9.87 -4.86 15.87
N MET D 87 8.72 -4.19 16.02
CA MET D 87 8.32 -3.70 17.34
C MET D 87 8.02 -4.85 18.28
N SER D 88 7.28 -5.86 17.80
CA SER D 88 6.88 -6.92 18.73
C SER D 88 8.05 -7.82 19.06
N GLU D 89 8.96 -8.04 18.11
CA GLU D 89 10.16 -8.82 18.42
C GLU D 89 11.08 -8.03 19.34
N GLY D 90 11.18 -6.71 19.10
CA GLY D 90 11.93 -5.88 20.03
C GLY D 90 11.35 -5.94 21.43
N ALA D 91 10.01 -5.95 21.53
CA ALA D 91 9.39 -6.00 22.86
C ALA D 91 9.60 -7.34 23.53
N ARG D 92 9.55 -8.45 22.77
CA ARG D 92 9.92 -9.74 23.34
C ARG D 92 11.34 -9.68 23.92
N ASN D 93 12.28 -9.08 23.18
CA ASN D 93 13.63 -8.99 23.72
C ASN D 93 13.68 -8.13 24.98
N ILE D 94 12.91 -7.02 24.98
CA ILE D 94 12.89 -6.11 26.14
C ILE D 94 12.31 -6.83 27.37
N VAL D 95 11.23 -7.59 27.18
CA VAL D 95 10.62 -8.31 28.31
C VAL D 95 11.60 -9.32 28.89
N ALA D 96 12.24 -10.09 28.01
CA ALA D 96 13.17 -11.09 28.52
C ALA D 96 14.29 -10.42 29.29
N ALA D 97 14.79 -9.28 28.77
CA ALA D 97 15.87 -8.60 29.47
C ALA D 97 15.38 -8.06 30.80
N MET D 98 14.17 -7.49 30.84
CA MET D 98 13.66 -6.95 32.10
C MET D 98 13.49 -8.03 33.16
N LYS D 99 13.00 -9.21 32.74
CA LYS D 99 12.88 -10.31 33.70
C LYS D 99 14.24 -10.77 34.19
N ALA D 100 15.22 -10.81 33.30
CA ALA D 100 16.52 -11.35 33.72
C ALA D 100 17.23 -10.41 34.64
N HIS D 101 16.95 -9.10 34.56
CA HIS D 101 17.64 -8.09 35.35
C HIS D 101 16.79 -7.51 36.47
N GLY D 102 15.60 -8.05 36.71
CA GLY D 102 14.77 -7.54 37.79
C GLY D 102 14.24 -6.13 37.58
N VAL D 103 13.92 -5.78 36.34
CA VAL D 103 13.34 -4.47 36.03
C VAL D 103 11.85 -4.66 35.88
N ASP D 104 11.05 -3.92 36.62
CA ASP D 104 9.64 -4.25 36.76
C ASP D 104 8.68 -3.29 36.09
N LYS D 105 9.15 -2.19 35.47
CA LYS D 105 8.26 -1.12 35.04
C LYS D 105 8.55 -0.74 33.60
N VAL D 106 7.55 -0.82 32.72
CA VAL D 106 7.73 -0.45 31.31
C VAL D 106 6.59 0.45 30.88
N VAL D 107 6.90 1.53 30.18
CA VAL D 107 5.90 2.44 29.64
C VAL D 107 6.13 2.47 28.16
N ALA D 108 5.14 2.02 27.39
CA ALA D 108 5.37 1.84 25.97
C ALA D 108 4.26 2.43 25.14
N CYS D 109 4.67 3.01 24.02
CA CYS D 109 3.79 3.71 23.11
C CYS D 109 3.37 2.79 21.96
N THR D 110 2.06 2.66 21.75
CA THR D 110 1.49 2.09 20.51
C THR D 110 0.71 3.20 19.81
N SER D 111 -0.62 3.15 19.77
CA SER D 111 -1.41 4.20 19.14
C SER D 111 -2.86 4.05 19.53
N ALA D 112 -3.57 5.16 19.35
CA ALA D 112 -4.98 5.19 19.67
C ALA D 112 -5.80 4.32 18.73
N PHE D 113 -5.24 3.84 17.61
CA PHE D 113 -6.01 2.87 16.82
C PHE D 113 -6.35 1.62 17.63
N LEU D 114 -5.59 1.32 18.69
CA LEU D 114 -5.93 0.18 19.52
C LEU D 114 -7.14 0.44 20.40
N LEU D 115 -7.61 1.67 20.47
CA LEU D 115 -8.79 2.02 21.25
C LEU D 115 -10.02 2.28 20.39
N TRP D 116 -9.88 2.35 19.07
CA TRP D 116 -10.96 2.68 18.16
C TRP D 116 -11.34 1.45 17.34
N ASP D 117 -12.47 1.51 16.66
CA ASP D 117 -12.87 0.36 15.84
C ASP D 117 -11.76 0.01 14.86
N PRO D 118 -11.52 -1.28 14.60
CA PRO D 118 -10.49 -1.63 13.61
C PRO D 118 -10.73 -1.08 12.20
N THR D 119 -11.97 -0.80 11.80
CA THR D 119 -12.15 -0.22 10.47
C THR D 119 -11.69 1.24 10.39
N LYS D 120 -11.23 1.83 11.48
CA LYS D 120 -10.69 3.17 11.42
C LYS D 120 -9.28 3.20 10.86
N VAL D 121 -8.61 2.06 10.76
CA VAL D 121 -7.20 2.07 10.39
C VAL D 121 -7.03 2.19 8.89
N PRO D 122 -6.31 3.21 8.42
CA PRO D 122 -5.95 3.28 6.99
C PRO D 122 -5.25 2.01 6.53
N PRO D 123 -5.61 1.47 5.36
CA PRO D 123 -5.01 0.19 4.92
C PRO D 123 -3.49 0.15 4.99
N ARG D 124 -2.80 1.23 4.61
CA ARG D 124 -1.36 1.15 4.59
C ARG D 124 -0.76 1.25 5.98
N LEU D 125 -1.58 1.60 6.99
CA LEU D 125 -1.14 1.52 8.37
C LEU D 125 -1.60 0.25 9.07
N GLN D 126 -2.25 -0.69 8.37
CA GLN D 126 -2.72 -1.90 9.06
C GLN D 126 -1.56 -2.74 9.57
N ALA D 127 -0.49 -2.85 8.79
CA ALA D 127 0.60 -3.72 9.23
C ALA D 127 1.25 -3.18 10.49
N VAL D 128 1.48 -1.86 10.57
CA VAL D 128 2.09 -1.33 11.78
C VAL D 128 1.14 -1.53 12.95
N THR D 129 -0.16 -1.31 12.71
CA THR D 129 -1.13 -1.46 13.79
C THR D 129 -1.21 -2.90 14.27
N ASP D 130 -1.17 -3.87 13.34
CA ASP D 130 -1.12 -5.28 13.74
C ASP D 130 0.10 -5.56 14.62
N ASP D 131 1.25 -4.95 14.29
CA ASP D 131 2.40 -5.22 15.15
C ASP D 131 2.33 -4.45 16.48
N HIS D 132 1.76 -3.23 16.49
CA HIS D 132 1.44 -2.57 17.75
C HIS D 132 0.62 -3.49 18.64
N ILE D 133 -0.41 -4.12 18.06
CA ILE D 133 -1.28 -5.02 18.81
C ILE D 133 -0.47 -6.20 19.34
N ARG D 134 0.41 -6.76 18.52
CA ARG D 134 1.27 -7.85 18.97
C ARG D 134 2.18 -7.37 20.11
N MET D 135 2.75 -6.17 19.98
CA MET D 135 3.63 -5.66 21.03
C MET D 135 2.86 -5.46 22.33
N HIS D 136 1.67 -4.89 22.21
CA HIS D 136 0.83 -4.67 23.37
C HIS D 136 0.50 -5.99 24.07
N LYS D 137 0.21 -7.05 23.30
CA LYS D 137 -0.06 -8.34 23.92
C LYS D 137 1.16 -8.88 24.64
N VAL D 138 2.33 -8.75 24.02
CA VAL D 138 3.57 -9.21 24.65
C VAL D 138 3.75 -8.53 26.01
N LEU D 139 3.50 -7.22 26.07
CA LEU D 139 3.77 -6.49 27.31
C LEU D 139 2.70 -6.80 28.36
N ARG D 140 1.45 -6.92 27.93
CA ARG D 140 0.37 -7.26 28.83
C ARG D 140 0.55 -8.65 29.43
N GLU D 141 1.01 -9.60 28.61
CA GLU D 141 1.19 -10.97 29.10
C GLU D 141 2.47 -11.16 29.90
N SER D 142 3.34 -10.13 29.97
CA SER D 142 4.63 -10.24 30.62
C SER D 142 4.52 -10.31 32.15
N GLY D 143 3.43 -9.84 32.73
CA GLY D 143 3.34 -9.71 34.16
C GLY D 143 4.10 -8.51 34.72
N LEU D 144 4.85 -7.79 33.91
CA LEU D 144 5.55 -6.61 34.37
C LEU D 144 4.53 -5.47 34.59
N LYS D 145 4.93 -4.47 35.39
CA LYS D 145 4.07 -3.30 35.54
C LYS D 145 4.14 -2.51 34.24
N TYR D 146 3.02 -2.42 33.52
CA TYR D 146 3.04 -1.94 32.15
C TYR D 146 1.99 -0.86 31.99
N VAL D 147 2.43 0.32 31.55
CA VAL D 147 1.54 1.39 31.16
C VAL D 147 1.52 1.46 29.64
N ALA D 148 0.34 1.25 29.07
CA ALA D 148 0.16 1.29 27.64
C ALA D 148 -0.24 2.70 27.25
N VAL D 149 0.58 3.37 26.44
CA VAL D 149 0.29 4.74 26.02
C VAL D 149 -0.12 4.67 24.56
N MET D 150 -1.32 5.18 24.27
CA MET D 150 -1.98 5.01 22.99
C MET D 150 -2.37 6.37 22.44
N PRO D 151 -1.41 7.11 21.89
CA PRO D 151 -1.68 8.48 21.48
C PRO D 151 -2.43 8.56 20.17
N PRO D 152 -3.15 9.64 19.94
CA PRO D 152 -3.65 9.93 18.60
C PRO D 152 -2.56 10.60 17.77
N HIS D 153 -2.91 11.57 16.91
CA HIS D 153 -1.90 12.21 16.06
C HIS D 153 -0.85 12.86 16.93
N ILE D 154 0.43 12.65 16.59
CA ILE D 154 1.55 13.27 17.30
C ILE D 154 1.93 14.56 16.57
N GLY D 155 1.72 15.72 17.19
CA GLY D 155 2.02 16.98 16.55
C GLY D 155 3.33 17.59 17.05
N ASP D 156 3.59 18.82 16.62
CA ASP D 156 4.82 19.53 16.95
C ASP D 156 4.60 20.74 17.85
N GLN D 157 3.45 20.86 18.50
CA GLN D 157 3.15 22.06 19.30
C GLN D 157 4.10 22.12 20.49
N PRO D 158 4.31 23.29 21.07
CA PRO D 158 5.21 23.37 22.22
C PRO D 158 4.66 22.63 23.44
N LEU D 159 5.60 22.23 24.31
CA LEU D 159 5.27 21.59 25.59
C LEU D 159 4.30 22.43 26.41
N THR D 160 3.28 21.80 26.97
CA THR D 160 2.38 22.50 27.89
C THR D 160 2.28 21.86 29.27
N GLY D 161 2.42 20.53 29.36
CA GLY D 161 2.17 19.82 30.59
C GLY D 161 0.74 19.92 31.09
N ALA D 162 -0.17 20.39 30.24
CA ALA D 162 -1.55 20.65 30.63
C ALA D 162 -2.55 19.72 29.93
N TYR D 163 -2.06 18.67 29.25
CA TYR D 163 -2.88 17.76 28.46
C TYR D 163 -3.81 16.94 29.36
N THR D 164 -4.84 16.40 28.73
CA THR D 164 -5.78 15.45 29.32
C THR D 164 -5.32 14.00 29.13
N VAL D 165 -5.46 13.17 30.16
CA VAL D 165 -5.23 11.72 30.05
C VAL D 165 -6.51 10.97 30.36
N THR D 166 -7.01 10.17 29.40
CA THR D 166 -8.18 9.35 29.63
C THR D 166 -7.84 7.86 29.48
N LEU D 167 -8.76 7.00 29.94
CA LEU D 167 -8.55 5.55 29.95
C LEU D 167 -9.31 4.83 28.84
N ASP D 168 -10.26 5.50 28.21
CA ASP D 168 -10.81 5.15 26.92
C ASP D 168 -10.06 5.96 25.87
N GLY D 169 -10.68 6.16 24.72
CA GLY D 169 -10.02 6.89 23.66
C GLY D 169 -10.80 8.11 23.23
N ARG D 170 -11.38 8.80 24.20
CA ARG D 170 -12.09 10.03 23.90
C ARG D 170 -11.33 11.18 24.54
N GLY D 171 -11.45 12.37 23.96
CA GLY D 171 -10.76 13.51 24.51
C GLY D 171 -10.92 14.79 23.73
N PRO D 172 -10.29 15.85 24.26
CA PRO D 172 -10.48 17.20 23.68
C PRO D 172 -10.14 17.25 22.22
N SER D 173 -9.26 16.35 21.78
CA SER D 173 -9.04 16.22 20.37
C SER D 173 -8.34 14.91 20.09
N ARG D 174 -7.91 14.82 18.87
CA ARG D 174 -7.15 13.72 18.34
C ARG D 174 -5.73 14.17 18.09
N VAL D 175 -5.18 14.98 19.00
CA VAL D 175 -3.78 15.39 18.87
C VAL D 175 -3.11 15.43 20.23
N ILE D 176 -1.82 15.05 20.26
CA ILE D 176 -0.93 15.30 21.38
C ILE D 176 0.39 15.78 20.80
N SER D 177 0.94 16.86 21.36
CA SER D 177 2.26 17.27 20.91
C SER D 177 3.29 16.20 21.26
N LYS D 178 4.30 15.99 20.39
CA LYS D 178 5.37 15.07 20.75
C LYS D 178 5.99 15.44 22.07
N HIS D 179 6.03 16.76 22.37
CA HIS D 179 6.64 17.20 23.62
C HIS D 179 5.78 16.80 24.82
N ASP D 180 4.45 16.95 24.70
CA ASP D 180 3.53 16.54 25.77
C ASP D 180 3.48 15.04 25.92
N LEU D 181 3.52 14.29 24.81
CA LEU D 181 3.62 12.84 24.85
C LEU D 181 4.85 12.42 25.64
N GLY D 182 5.99 13.04 25.36
CA GLY D 182 7.20 12.67 26.09
C GLY D 182 7.10 13.01 27.58
N HIS D 183 6.52 14.17 27.87
CA HIS D 183 6.27 14.58 29.25
C HIS D 183 5.38 13.55 29.94
N PHE D 184 4.36 13.06 29.26
CA PHE D 184 3.50 12.03 29.84
C PHE D 184 4.22 10.70 30.05
N MET D 185 5.07 10.28 29.10
CA MET D 185 5.85 9.05 29.31
C MET D 185 6.65 9.15 30.59
N LEU D 186 7.27 10.31 30.80
CA LEU D 186 8.03 10.51 32.03
C LEU D 186 7.12 10.55 33.26
N ARG D 187 5.94 11.19 33.15
CA ARG D 187 5.05 11.23 34.30
C ARG D 187 4.68 9.83 34.76
N CYS D 188 4.55 8.90 33.81
CA CYS D 188 4.18 7.53 34.12
C CYS D 188 5.22 6.84 34.99
N LEU D 189 6.47 7.36 35.04
CA LEU D 189 7.52 6.82 35.91
C LEU D 189 7.36 7.23 37.37
N THR D 190 6.56 8.26 37.64
CA THR D 190 6.48 8.82 38.98
C THR D 190 5.26 8.35 39.76
N THR D 191 4.46 7.46 39.18
CA THR D 191 3.23 7.02 39.82
C THR D 191 2.87 5.62 39.35
N ASP D 192 2.03 4.96 40.13
CA ASP D 192 1.55 3.62 39.83
C ASP D 192 0.13 3.63 39.27
N GLU D 193 -0.49 4.80 39.14
CA GLU D 193 -1.92 4.85 38.90
C GLU D 193 -2.31 4.40 37.50
N TYR D 194 -1.39 4.46 36.52
CA TYR D 194 -1.69 4.00 35.17
C TYR D 194 -1.21 2.58 34.91
N ASP D 195 -0.58 1.93 35.89
CA ASP D 195 -0.15 0.55 35.69
C ASP D 195 -1.34 -0.35 35.33
N GLY D 196 -1.18 -1.13 34.26
CA GLY D 196 -2.22 -2.06 33.87
C GLY D 196 -3.39 -1.43 33.14
N HIS D 197 -3.29 -0.17 32.77
CA HIS D 197 -4.32 0.56 32.04
C HIS D 197 -3.78 0.95 30.69
N SER D 198 -4.69 1.20 29.76
CA SER D 198 -4.34 1.96 28.56
C SER D 198 -4.62 3.42 28.84
N THR D 199 -3.79 4.28 28.26
CA THR D 199 -3.88 5.70 28.51
C THR D 199 -3.95 6.44 27.18
N TYR D 200 -4.74 7.50 27.13
CA TYR D 200 -4.94 8.29 25.93
C TYR D 200 -4.64 9.75 26.27
N PRO D 201 -3.43 10.22 25.96
CA PRO D 201 -3.10 11.62 26.17
C PRO D 201 -3.57 12.47 24.99
N SER D 202 -4.24 13.58 25.29
CA SER D 202 -4.69 14.48 24.25
C SER D 202 -4.85 15.88 24.82
N HIS D 203 -4.84 16.88 23.94
CA HIS D 203 -4.91 18.28 24.34
C HIS D 203 -5.40 19.12 23.16
N GLN D 204 -5.98 20.28 23.48
CA GLN D 204 -6.27 21.30 22.48
C GLN D 204 -5.24 22.40 22.62
N TYR D 205 -4.60 22.77 21.51
CA TYR D 205 -3.40 23.59 21.49
C TYR D 205 -3.64 25.01 21.00
N GLN D 206 -2.74 25.90 21.43
CA GLN D 206 -2.89 27.37 21.42
C GLN D 206 -2.37 28.11 20.19
PA NAP E . 10.55 -15.00 6.46
O1A NAP E . 9.08 -14.87 6.53
O2A NAP E . 11.39 -15.33 7.72
O5B NAP E . 11.26 -13.72 5.83
C5B NAP E . 10.57 -12.85 4.94
C4B NAP E . 11.59 -11.87 4.33
O4B NAP E . 10.90 -11.03 3.47
C3B NAP E . 12.29 -10.99 5.38
O3B NAP E . 13.58 -10.77 4.97
C2B NAP E . 11.41 -9.73 5.18
O2B NAP E . 12.13 -8.54 5.68
C1B NAP E . 11.26 -9.58 3.81
N9A NAP E . 10.15 -8.74 3.47
C8A NAP E . 8.87 -8.77 3.88
N7A NAP E . 8.21 -7.67 3.40
C5A NAP E . 9.14 -6.96 2.71
C6A NAP E . 9.05 -5.77 2.06
N6A NAP E . 7.91 -4.99 1.92
N1A NAP E . 10.14 -5.27 1.45
C2A NAP E . 11.34 -5.92 1.44
N3A NAP E . 11.40 -7.09 2.12
C4A NAP E . 10.32 -7.61 2.74
O3 NAP E . 10.83 -16.05 5.25
PN NAP E . 11.02 -17.64 5.29
O1N NAP E . 10.52 -18.27 6.54
O2N NAP E . 12.41 -17.89 4.85
O5D NAP E . 9.93 -18.12 4.18
C5D NAP E . 10.26 -17.90 2.79
C4D NAP E . 8.98 -18.15 1.96
O4D NAP E . 8.71 -19.46 2.16
C3D NAP E . 7.80 -17.34 2.49
O3D NAP E . 7.07 -16.76 1.45
C2D NAP E . 6.95 -18.46 3.16
O2D NAP E . 5.52 -18.18 3.18
C1D NAP E . 7.20 -19.60 2.43
N1N NAP E . 7.02 -20.91 3.07
C2N NAP E . 7.27 -21.07 4.40
C3N NAP E . 7.14 -22.36 4.93
C7N NAP E . 7.46 -22.50 6.39
O7N NAP E . 7.75 -21.58 7.17
N7N NAP E . 7.38 -23.84 6.80
C4N NAP E . 6.84 -23.48 4.17
C5N NAP E . 6.59 -23.28 2.84
C6N NAP E . 6.72 -21.99 2.27
P2B NAP E . 12.00 -7.89 7.21
O1X NAP E . 13.27 -8.26 7.98
O2X NAP E . 11.98 -6.39 6.99
O3X NAP E . 10.75 -8.45 7.83
C02 JBF F . 3.96 -20.40 6.18
C03 JBF F . 4.03 -19.06 6.50
C04 JBF F . 4.29 -18.70 7.81
C05 JBF F . 4.46 -19.66 8.79
C06 JBF F . 4.37 -21.00 8.47
C07 JBF F . 4.10 -21.35 7.16
C08 JBF F . 4.05 -22.79 6.79
C10 JBF F . 3.97 -24.66 5.81
C11 JBF F . 3.88 -25.77 4.78
C12 JBF F . 3.85 -27.09 5.20
C13 JBF F . 3.75 -28.08 4.25
C14 JBF F . 3.74 -29.55 4.66
C17 JBF F . 3.70 -27.76 2.92
C18 JBF F . 3.72 -26.43 2.50
C19 JBF F . 3.83 -25.44 3.44
F01 JBF F . 3.71 -20.83 4.93
N09 JBF F . 3.92 -23.37 5.62
N20 JBF F . 4.13 -24.89 7.09
O15 JBF F . 3.59 -29.81 5.88
O16 JBF F . 3.87 -30.47 3.80
O21 JBF F . 4.21 -23.69 7.74
C02 JBF G . -6.44 -14.95 -5.22
C03 JBF G . -5.63 -16.07 -4.99
C04 JBF G . -6.21 -17.16 -4.36
C05 JBF G . -7.55 -17.12 -3.95
C06 JBF G . -8.34 -16.00 -4.17
C07 JBF G . -7.78 -14.91 -4.81
C08 JBF G . -8.60 -13.66 -5.09
C10 JBF G . -9.07 -11.67 -5.78
C11 JBF G . -8.88 -10.28 -6.38
C12 JBF G . -7.64 -9.94 -6.91
C13 JBF G . -7.44 -8.68 -7.47
C14 JBF G . -6.07 -8.32 -8.05
C17 JBF G . -8.48 -7.77 -7.49
C18 JBF G . -9.72 -8.11 -6.95
C19 JBF G . -9.92 -9.37 -6.40
F01 JBF G . -5.91 -13.86 -5.86
N09 JBF G . -8.11 -12.57 -5.66
N20 JBF G . -10.19 -12.20 -5.27
O15 JBF G . -5.92 -7.21 -8.66
O16 JBF G . -5.10 -9.09 -7.92
O21 JBF G . -9.90 -13.47 -4.83
S SO4 H . -0.34 -33.54 8.70
O1 SO4 H . 0.84 -34.33 9.02
O2 SO4 H . -0.99 -34.04 7.49
O3 SO4 H . 0.06 -32.15 8.51
O4 SO4 H . -1.26 -33.60 9.83
S SO4 I . 32.55 -9.93 7.19
O1 SO4 I . 32.91 -11.05 8.06
O2 SO4 I . 31.68 -10.42 6.12
O3 SO4 I . 31.86 -8.92 7.97
O4 SO4 I . 33.74 -9.33 6.61
PA NAP J . -7.71 -6.27 -16.37
O1A NAP J . -7.03 -5.42 -15.27
O2A NAP J . -6.78 -7.28 -17.09
O5B NAP J . -8.48 -5.27 -17.41
C5B NAP J . -9.18 -4.13 -16.98
C4B NAP J . -9.99 -3.75 -18.23
O4B NAP J . -10.74 -2.66 -17.91
C3B NAP J . -9.09 -3.31 -19.38
O3B NAP J . -9.72 -3.70 -20.54
C2B NAP J . -9.18 -1.78 -19.19
O2B NAP J . -8.80 -1.07 -20.43
C1B NAP J . -10.46 -1.51 -18.93
N9A NAP J . -10.54 -0.23 -18.30
C8A NAP J . -9.95 0.26 -17.16
N7A NAP J . -10.31 1.56 -17.06
C5A NAP J . -11.11 1.84 -18.14
C6A NAP J . -11.72 2.99 -18.51
N6A NAP J . -11.72 4.25 -17.86
N1A NAP J . -12.49 3.02 -19.63
C2A NAP J . -12.66 1.95 -20.44
N3A NAP J . -12.03 0.77 -20.08
C4A NAP J . -11.28 0.74 -18.92
O3 NAP J . -9.00 -7.06 -15.70
PN NAP J . -9.07 -8.61 -15.17
O1N NAP J . -7.71 -9.01 -14.60
O2N NAP J . -9.54 -9.49 -16.31
O5D NAP J . -10.17 -8.49 -13.98
C5D NAP J . -11.52 -8.16 -14.34
C4D NAP J . -12.24 -7.93 -12.99
O4D NAP J . -12.00 -9.02 -12.21
C3D NAP J . -11.60 -6.75 -12.31
O3D NAP J . -12.56 -5.86 -11.86
C2D NAP J . -10.81 -7.42 -11.15
O2D NAP J . -10.69 -6.53 -9.97
C1D NAP J . -11.55 -8.48 -10.79
N1N NAP J . -10.87 -9.65 -10.22
C2N NAP J . -9.58 -9.93 -10.57
C3N NAP J . -8.98 -11.06 -9.99
C7N NAP J . -7.55 -11.42 -10.31
O7N NAP J . -7.16 -12.51 -9.98
N7N NAP J . -6.71 -10.45 -11.03
C4N NAP J . -9.68 -11.88 -9.15
C5N NAP J . -10.97 -11.65 -8.84
C6N NAP J . -11.58 -10.50 -9.41
P2B NAP J . -7.23 -0.81 -20.87
O1X NAP J . -6.64 -1.96 -21.63
O2X NAP J . -7.43 0.40 -21.76
O3X NAP J . -6.40 -0.51 -19.60
S SO4 K . -2.86 -19.91 -12.03
O1 SO4 K . -1.76 -20.79 -11.66
O2 SO4 K . -2.95 -19.92 -13.49
O3 SO4 K . -2.61 -18.56 -11.52
O4 SO4 K . -4.09 -20.40 -11.40
PA NAP L . -11.11 15.15 -5.92
O1A NAP L . -11.38 14.23 -4.75
O2A NAP L . -12.25 15.46 -6.90
O5B NAP L . -9.92 14.58 -6.83
C5B NAP L . -8.83 13.93 -6.19
C4B NAP L . -7.71 13.83 -7.24
O4B NAP L . -6.65 13.14 -6.66
C3B NAP L . -8.09 13.07 -8.55
O3B NAP L . -7.43 13.66 -9.58
C2B NAP L . -7.50 11.69 -8.16
O2B NAP L . -7.29 10.90 -9.38
C1B NAP L . -6.25 12.03 -7.63
N9A NAP L . -5.73 10.91 -6.87
C8A NAP L . -6.30 10.20 -5.88
N7A NAP L . -5.49 9.14 -5.53
C5A NAP L . -4.40 9.23 -6.36
C6A NAP L . -3.29 8.41 -6.43
N6A NAP L . -3.01 7.29 -5.68
N1A NAP L . -2.32 8.71 -7.32
C2A NAP L . -2.45 9.80 -8.13
N3A NAP L . -3.58 10.62 -8.04
C4A NAP L . -4.54 10.33 -7.16
O3 NAP L . -10.51 16.60 -5.42
PN NAP L . -11.23 17.95 -4.95
O1N NAP L . -10.78 18.95 -5.93
O2N NAP L . -12.69 17.72 -4.75
O5D NAP L . -10.60 18.22 -3.48
C5D NAP L . -9.25 18.60 -3.36
C4D NAP L . -8.88 18.51 -1.87
O4D NAP L . -9.66 19.41 -1.17
C3D NAP L . -9.17 17.09 -1.35
O3D NAP L . -8.10 16.63 -0.56
C2D NAP L . -10.44 17.35 -0.48
O2D NAP L . -10.49 16.47 0.70
C1D NAP L . -10.25 18.60 0.03
N1N NAP L . -11.41 19.44 0.42
C2N NAP L . -12.60 19.22 -0.17
C3N NAP L . -13.62 20.08 0.22
C7N NAP L . -14.95 19.83 -0.45
O7N NAP L . -15.26 18.97 -1.26
N7N NAP L . -15.94 20.76 -0.07
C4N NAP L . -13.51 21.11 1.11
C5N NAP L . -12.30 21.31 1.71
C6N NAP L . -11.26 20.46 1.33
P2B NAP L . -8.41 9.84 -10.02
O1X NAP L . -9.04 10.52 -11.20
O2X NAP L . -7.53 8.73 -10.49
O3X NAP L . -9.43 9.44 -8.94
C02 JBF M . -14.39 16.52 1.67
C03 JBF M . -14.08 15.38 0.95
C04 JBF M . -15.08 14.77 0.25
C05 JBF M . -16.36 15.32 0.26
C06 JBF M . -16.66 16.47 0.98
C07 JBF M . -15.65 17.04 1.70
C08 JBF M . -15.99 18.31 2.42
C10 JBF M . -16.03 20.17 3.46
C11 JBF M . -15.66 21.36 4.30
C12 JBF M . -16.66 22.26 4.69
C13 JBF M . -16.31 23.32 5.49
C14 JBF M . -17.34 24.35 5.93
C17 JBF M . -14.99 23.54 5.89
C18 JBF M . -14.01 22.62 5.49
C19 JBF M . -14.35 21.55 4.70
F01 JBF M . -13.49 17.18 2.40
N09 JBF M . -15.24 19.16 3.11
N20 JBF M . -17.24 19.93 3.01
O15 JBF M . -16.95 25.47 6.32
O16 JBF M . -18.57 24.06 5.91
O21 JBF M . -17.23 18.76 2.34
C02 JBF N . -3.72 11.13 12.81
C03 JBF N . -4.30 12.36 12.44
C04 JBF N . -5.41 12.80 13.16
C05 JBF N . -5.95 12.02 14.18
C06 JBF N . -5.39 10.79 14.54
C07 JBF N . -4.26 10.35 13.84
C08 JBF N . -3.59 9.03 14.22
C10 JBF N . -2.15 7.42 14.17
C11 JBF N . -0.94 6.61 13.70
C12 JBF N . -0.13 7.14 12.71
C13 JBF N . 0.98 6.43 12.25
C14 JBF N . 1.91 6.98 11.16
C17 JBF N . 1.26 5.18 12.80
C18 JBF N . 0.43 4.66 13.79
C19 JBF N . -0.66 5.37 14.24
F01 JBF N . -2.61 10.68 12.16
N09 JBF N . -2.51 8.56 13.62
N20 JBF N . -3.01 7.14 15.14
O15 JBF N . 1.68 8.09 10.60
O16 JBF N . 2.94 6.32 10.80
O21 JBF N . -3.93 8.16 15.19
S SO4 O . -23.06 24.47 10.16
O1 SO4 O . -21.67 24.23 10.58
O2 SO4 O . -23.94 23.63 10.97
O3 SO4 O . -23.26 24.14 8.75
O4 SO4 O . -23.39 25.87 10.39
S SO4 P . -6.64 36.83 -13.96
O1 SO4 P . -5.67 35.77 -13.72
O2 SO4 P . -7.24 36.62 -15.28
O3 SO4 P . -5.97 38.13 -13.94
O4 SO4 P . -7.69 36.85 -12.94
PA NAP Q . 9.84 7.51 14.83
O1A NAP Q . 9.44 6.68 13.57
O2A NAP Q . 10.12 9.02 14.63
O5B NAP Q . 11.09 6.74 15.57
C5B NAP Q . 11.15 5.32 15.61
C4B NAP Q . 12.32 5.03 16.58
O4B NAP Q . 12.44 3.67 16.67
C3B NAP Q . 13.67 5.61 16.10
O3B NAP Q . 14.43 5.94 17.22
C2B NAP Q . 14.19 4.30 15.47
O2B NAP Q . 15.67 4.32 15.27
C1B NAP Q . 13.92 3.33 16.38
N9A NAP Q . 13.94 2.05 15.75
C8A NAP Q . 13.27 1.54 14.67
N7A NAP Q . 13.75 0.29 14.42
C5A NAP Q . 14.70 0.04 15.38
C6A NAP Q . 15.50 -1.09 15.55
N6A NAP Q . 15.50 -2.31 14.79
N1A NAP Q . 16.39 -1.09 16.56
C2A NAP Q . 16.53 -0.01 17.38
N3A NAP Q . 15.75 1.12 17.21
C4A NAP Q . 14.86 1.11 16.18
O3 NAP Q . 8.67 7.26 15.95
PN NAP Q . 7.50 8.31 16.41
O1N NAP Q . 7.06 9.08 15.20
O2N NAP Q . 7.97 9.13 17.59
O5D NAP Q . 6.40 7.22 16.86
C5D NAP Q . 6.46 6.56 18.13
C4D NAP Q . 5.39 5.43 18.13
O4D NAP Q . 4.20 6.09 18.07
C3D NAP Q . 5.48 4.58 16.87
O3D NAP Q . 5.42 3.22 17.15
C2D NAP Q . 4.28 5.12 16.02
O2D NAP Q . 3.75 4.05 15.16
C1D NAP Q . 3.36 5.44 16.90
N1N NAP Q . 2.39 6.51 16.58
C2N NAP Q . 2.72 7.48 15.71
C3N NAP Q . 1.75 8.48 15.47
C7N NAP Q . 2.06 9.61 14.53
O7N NAP Q . 1.28 10.55 14.51
N7N NAP Q . 3.28 9.50 13.73
C4N NAP Q . 0.57 8.51 16.13
C5N NAP Q . 0.26 7.52 17.00
C6N NAP Q . 1.20 6.51 17.23
P2B NAP Q . 16.48 5.05 14.02
O1X NAP Q . 16.59 6.55 14.24
O2X NAP Q . 17.83 4.35 14.07
O3X NAP Q . 15.63 4.79 12.74
S SO4 R . 0.40 19.20 14.03
O1 SO4 R . 0.48 18.07 13.09
O2 SO4 R . 1.74 19.61 14.48
O3 SO4 R . -0.52 18.83 15.10
O4 SO4 R . -0.20 20.37 13.38
#